data_8FZQ
#
_entry.id   8FZQ
#
_cell.length_a   1.00
_cell.length_b   1.00
_cell.length_c   1.00
_cell.angle_alpha   90.00
_cell.angle_beta   90.00
_cell.angle_gamma   90.00
#
_symmetry.space_group_name_H-M   'P 1'
#
loop_
_entity.id
_entity.type
_entity.pdbx_description
1 polymer 'Cystic fibrosis transmembrane conductance regulator'
2 non-polymer 'MAGNESIUM ION'
3 non-polymer "ADENOSINE-5'-TRIPHOSPHATE"
#
_entity_poly.entity_id   1
_entity_poly.type   'polypeptide(L)'
_entity_poly.pdbx_seq_one_letter_code
;MQRSPLEKASVVSKLFFSWTRPILRKGYRQRLELSDIYQIPSVDSADNLSEKLEREWDRELASKKNPKLINALRRCFFWR
FMFYGIFLYLGEVTKAVQPLLLGRIIASYDPDNKEERSIAIYLGIGLCLLFIVRTLLLHPAIFGLHHIGMQMRIAMFSLI
YKKTLKLSSRVLDKISIGQLVSLLSNNLNKFDEGLALAHFVWIAPLQVALLMGLIWELLQASAFCGLGFLIVLALFQAGL
GRMMMKYRDQRAGKISERLVITSEMIENIQSVKAYCWEEAMEKMIENLRQTELKLTRKAAYVRYFNSSAFFFSGFFVVFL
SVLPYALIKGIILRKIFTTISFCIVLRMAVTRQFPWAVQTWYDSLGAINKIQDFLQKQEYKTLEYNLTTTEVVMENVTAF
WEEGFGELFEKAKQNNNNRKTSNGDDSLFFSNFSLLGTPVLKDINFKIERGQLLAVAGSTGAGKTSLLMVIMGELEPSEG
KIKHSGRISFCSQFSWIMPGTIKENIIFGVSYDEYRYRSVIKACQLEEDISKFAEKDNIVLGEGGITLSGGQRARISLAR
AVYKDADLYLLDSPFGYLDVLTEKEIFESCVCKLMANKTRILVTSKMEHLKKADKILILHEGSSYFYGTFSELQNLQPDF
SSKLMGCDSFDQFSAERRNSILTETLHRFSLEGDAPVSWTETKKQSFKQTGEFGEKRKNSILNPINSIRKFSIVQKTPLQ
MNGIEEDSDEPLERRLSLVPDSEQGEAILP(UNK)(UNK)(UNK)(UNK)(UNK)(UNK)(UNK)(UNK)(UNK)(UNK)
(UNK)(UNK)(UNK)(UNK)(UNK)(UNK)(UNK)(UNK)(UNK)LNLMTHSVNQGQNIHRKTTASTRKVSLAPQANLTE
LDIYSRRLSQETGLEISEEINEEDLKECFFDDMESIPAVTTWNTYLRYITVHKSLIFVLIWCLVIFLAEVAASLVVLWLL
GNTPLQDKGNSTHSRNNSYAVIITSTSSYYVFYIYVGVADTLLAMGFFRGLPLVHTLITVSKILHHKMLHSVLQAPMSTL
NTLKAGGILNRFSKDIAILDDLLPLTIFDFIQLLLIVIGAIAVVAVLQPYIFVATVPVIVAFIMLRAYFLQTSQQLKQLE
SEGRSPIFTHLVTSLKGLWTLRAFGRQPYFETLFHKALNLHTANWFLYLSTLRWFQMRIEMIFVIFFIAVTFISILTTGE
GEGRVGIILTLAMNIMSTLQWAVNSSIDVDSLMRSVSRVFKFIDMPTEGKPTKSTKPYKNGQLSKVMIIENSHVKKDDIW
PSGGQMTVKDLTAKYTEGGNAILENISFSISPGQRVGLLGRTGSGKSTLLSAFLRLLNTEGEIQIDGVSWDSITLQQWRK
AFGVIPQKVFIFSGTFRKNLDPYEQWSDQEIWKVADEVGLRSVIEQFPGKLDFVLVDGGCVLSHGHKQLMCLARSVLSKA
KILLLDEPSAHLDPVTYQIIRRTLKQAFADCTVILCEHRIEAMLECQQFLVIEENKVRQYDSIQKLLNERSLFRQAISPS
DRVKLFPHRNSSKCKSKPQIAALKEETEEEVQDTRLSNSLEVLFQ
;
_entity_poly.pdbx_strand_id   A
#
# COMPACT_ATOMS: atom_id res chain seq x y z
N PRO A 5 -6.80 6.82 -29.69
CA PRO A 5 -6.43 6.41 -31.05
C PRO A 5 -5.34 5.35 -31.07
N LEU A 6 -4.88 4.99 -32.26
CA LEU A 6 -3.84 3.97 -32.43
C LEU A 6 -2.57 4.65 -32.92
N GLU A 7 -1.47 4.42 -32.21
CA GLU A 7 -0.21 5.03 -32.57
C GLU A 7 0.36 4.41 -33.84
N LYS A 8 1.06 5.23 -34.62
CA LYS A 8 1.74 4.76 -35.81
C LYS A 8 2.87 5.73 -36.13
N ALA A 9 4.02 5.20 -36.53
CA ALA A 9 5.21 6.00 -36.74
C ALA A 9 6.16 5.26 -37.66
N SER A 10 7.08 6.02 -38.26
CA SER A 10 8.04 5.45 -39.19
C SER A 10 9.28 4.97 -38.43
N VAL A 11 10.33 4.58 -39.15
CA VAL A 11 11.48 3.96 -38.51
C VAL A 11 12.28 5.00 -37.71
N VAL A 12 12.50 6.19 -38.28
CA VAL A 12 13.25 7.22 -37.56
C VAL A 12 12.48 7.67 -36.32
N SER A 13 11.17 7.84 -36.46
CA SER A 13 10.34 8.22 -35.32
C SER A 13 10.35 7.14 -34.24
N LYS A 14 10.29 5.87 -34.65
CA LYS A 14 10.36 4.79 -33.68
C LYS A 14 11.70 4.77 -32.96
N LEU A 15 12.79 5.00 -33.68
CA LEU A 15 14.12 4.94 -33.08
C LEU A 15 14.36 6.12 -32.14
N PHE A 16 13.85 7.30 -32.48
CA PHE A 16 14.12 8.51 -31.71
C PHE A 16 12.98 8.89 -30.78
N PHE A 17 11.93 8.08 -30.69
CA PHE A 17 10.80 8.31 -29.78
C PHE A 17 10.20 9.71 -29.97
N SER A 18 9.96 10.06 -31.24
CA SER A 18 9.41 11.37 -31.57
C SER A 18 7.89 11.41 -31.56
N TRP A 19 7.22 10.29 -31.32
CA TRP A 19 5.76 10.26 -31.29
C TRP A 19 5.19 10.51 -29.90
N THR A 20 6.03 10.63 -28.88
CA THR A 20 5.59 10.95 -27.53
C THR A 20 5.56 12.46 -27.29
N ARG A 21 6.10 13.23 -28.24
CA ARG A 21 6.06 14.69 -28.14
C ARG A 21 4.65 15.27 -28.02
N PRO A 22 3.63 14.78 -28.73
CA PRO A 22 2.29 15.34 -28.50
C PRO A 22 1.81 15.23 -27.07
N ILE A 23 2.02 14.08 -26.42
CA ILE A 23 1.56 13.96 -25.05
C ILE A 23 2.43 14.78 -24.11
N LEU A 24 3.73 14.90 -24.40
CA LEU A 24 4.56 15.82 -23.62
C LEU A 24 4.04 17.25 -23.72
N ARG A 25 3.71 17.69 -24.93
CA ARG A 25 3.17 19.04 -25.12
C ARG A 25 1.87 19.24 -24.35
N LYS A 26 0.95 18.27 -24.46
CA LYS A 26 -0.33 18.40 -23.77
C LYS A 26 -0.16 18.42 -22.26
N GLY A 27 0.69 17.53 -21.74
CA GLY A 27 0.92 17.51 -20.31
C GLY A 27 1.62 18.76 -19.80
N TYR A 28 2.55 19.30 -20.58
CA TYR A 28 3.21 20.53 -20.19
C TYR A 28 2.23 21.70 -20.17
N ARG A 29 1.34 21.78 -21.17
CA ARG A 29 0.40 22.89 -21.21
C ARG A 29 -0.65 22.79 -20.11
N GLN A 30 -1.26 21.61 -19.96
CA GLN A 30 -2.41 21.47 -19.07
C GLN A 30 -2.35 20.13 -18.36
N ARG A 31 -3.34 19.90 -17.50
CA ARG A 31 -3.39 18.67 -16.70
C ARG A 31 -3.83 17.50 -17.55
N LEU A 32 -3.11 16.38 -17.43
CA LEU A 32 -3.43 15.20 -18.20
C LEU A 32 -4.68 14.51 -17.65
N GLU A 33 -5.49 13.97 -18.55
CA GLU A 33 -6.70 13.24 -18.19
C GLU A 33 -6.62 11.82 -18.75
N LEU A 34 -7.56 10.98 -18.33
CA LEU A 34 -7.57 9.60 -18.80
C LEU A 34 -7.95 9.48 -20.27
N SER A 35 -8.55 10.53 -20.85
CA SER A 35 -8.98 10.47 -22.24
C SER A 35 -7.83 10.64 -23.22
N ASP A 36 -6.81 11.42 -22.87
CA ASP A 36 -5.75 11.76 -23.82
C ASP A 36 -4.78 10.62 -24.05
N ILE A 37 -4.76 9.59 -23.20
CA ILE A 37 -3.86 8.47 -23.38
C ILE A 37 -4.43 7.57 -24.49
N TYR A 38 -3.65 7.37 -25.55
CA TYR A 38 -4.14 6.65 -26.71
C TYR A 38 -4.22 5.15 -26.44
N GLN A 39 -4.93 4.45 -27.32
CA GLN A 39 -5.14 3.03 -27.17
C GLN A 39 -3.87 2.23 -27.44
N ILE A 40 -3.66 1.18 -26.67
CA ILE A 40 -2.51 0.30 -26.82
C ILE A 40 -2.62 -0.43 -28.16
N PRO A 41 -1.52 -0.70 -28.84
CA PRO A 41 -1.58 -1.56 -30.03
C PRO A 41 -2.09 -2.96 -29.67
N SER A 42 -2.63 -3.63 -30.69
CA SER A 42 -3.23 -4.94 -30.48
C SER A 42 -2.21 -5.98 -30.03
N VAL A 43 -0.91 -5.70 -30.17
CA VAL A 43 0.11 -6.64 -29.75
C VAL A 43 0.05 -6.85 -28.24
N ASP A 44 -0.25 -5.80 -27.48
CA ASP A 44 -0.25 -5.85 -26.02
C ASP A 44 -1.65 -5.95 -25.44
N SER A 45 -2.61 -6.48 -26.20
CA SER A 45 -3.94 -6.70 -25.67
C SER A 45 -3.94 -7.83 -24.65
N ALA A 46 -4.71 -7.66 -23.58
CA ALA A 46 -4.73 -8.65 -22.51
C ALA A 46 -5.26 -9.99 -23.02
N ASP A 47 -6.31 -9.97 -23.83
CA ASP A 47 -6.86 -11.20 -24.38
C ASP A 47 -5.85 -11.92 -25.26
N ASN A 48 -5.15 -11.16 -26.12
CA ASN A 48 -4.14 -11.77 -26.99
C ASN A 48 -3.00 -12.37 -26.17
N LEU A 49 -2.53 -11.66 -25.15
CA LEU A 49 -1.46 -12.19 -24.32
C LEU A 49 -1.91 -13.45 -23.59
N SER A 50 -3.13 -13.44 -23.04
CA SER A 50 -3.63 -14.62 -22.34
C SER A 50 -3.74 -15.82 -23.28
N GLU A 51 -4.28 -15.60 -24.48
CA GLU A 51 -4.40 -16.71 -25.44
C GLU A 51 -3.03 -17.24 -25.83
N LYS A 52 -2.09 -16.35 -26.11
CA LYS A 52 -0.75 -16.78 -26.53
C LYS A 52 -0.05 -17.56 -25.42
N LEU A 53 -0.18 -17.11 -24.18
CA LEU A 53 0.47 -17.82 -23.08
C LEU A 53 -0.19 -19.16 -22.81
N GLU A 54 -1.53 -19.22 -22.87
CA GLU A 54 -2.23 -20.47 -22.60
C GLU A 54 -1.94 -21.51 -23.67
N ARG A 55 -1.87 -21.08 -24.94
CA ARG A 55 -1.62 -22.02 -26.04
C ARG A 55 -0.32 -22.78 -25.84
N GLU A 56 0.65 -22.18 -25.15
CA GLU A 56 1.90 -22.86 -24.85
C GLU A 56 1.88 -23.57 -23.50
N TRP A 57 1.23 -22.97 -22.50
CA TRP A 57 1.22 -23.57 -21.17
C TRP A 57 0.45 -24.89 -21.14
N ASP A 58 -0.70 -24.94 -21.82
CA ASP A 58 -1.46 -26.18 -21.84
C ASP A 58 -0.70 -27.29 -22.57
N ARG A 59 -0.02 -26.94 -23.66
CA ARG A 59 0.79 -27.93 -24.37
C ARG A 59 1.93 -28.42 -23.50
N GLU A 60 2.57 -27.51 -22.75
CA GLU A 60 3.65 -27.92 -21.86
C GLU A 60 3.14 -28.86 -20.78
N LEU A 61 1.97 -28.56 -20.19
CA LEU A 61 1.39 -29.45 -19.20
C LEU A 61 1.07 -30.81 -19.79
N ALA A 62 0.52 -30.82 -21.01
CA ALA A 62 0.13 -32.09 -21.62
C ALA A 62 1.32 -32.94 -22.03
N SER A 63 2.43 -32.31 -22.41
CA SER A 63 3.57 -33.04 -22.94
C SER A 63 4.64 -33.34 -21.88
N LYS A 64 5.15 -32.31 -21.22
CA LYS A 64 6.30 -32.49 -20.33
C LYS A 64 5.92 -33.32 -19.11
N LYS A 65 6.80 -34.26 -18.76
CA LYS A 65 6.58 -35.07 -17.57
C LYS A 65 6.73 -34.24 -16.30
N ASN A 66 7.80 -33.44 -16.23
CA ASN A 66 8.00 -32.53 -15.10
C ASN A 66 7.57 -31.14 -15.53
N PRO A 67 6.49 -30.59 -14.97
CA PRO A 67 5.99 -29.30 -15.44
C PRO A 67 6.82 -28.13 -14.89
N LYS A 68 7.26 -27.26 -15.78
CA LYS A 68 7.92 -26.02 -15.40
C LYS A 68 7.45 -24.92 -16.34
N LEU A 69 7.14 -23.75 -15.76
CA LEU A 69 6.57 -22.66 -16.54
C LEU A 69 7.60 -22.09 -17.53
N ILE A 70 8.88 -22.09 -17.15
CA ILE A 70 9.91 -21.54 -18.03
C ILE A 70 10.01 -22.33 -19.33
N ASN A 71 9.64 -23.61 -19.31
CA ASN A 71 9.71 -24.42 -20.52
C ASN A 71 8.84 -23.84 -21.63
N ALA A 72 7.61 -23.46 -21.29
CA ALA A 72 6.75 -22.79 -22.26
C ALA A 72 7.12 -21.32 -22.44
N LEU A 73 7.61 -20.69 -21.37
CA LEU A 73 7.93 -19.27 -21.46
C LEU A 73 9.06 -19.02 -22.46
N ARG A 74 10.04 -19.92 -22.51
CA ARG A 74 11.14 -19.77 -23.45
C ARG A 74 10.66 -19.86 -24.89
N ARG A 75 9.92 -20.92 -25.21
CA ARG A 75 9.40 -21.05 -26.57
C ARG A 75 8.39 -19.94 -26.89
N CYS A 76 7.88 -19.24 -25.88
CA CYS A 76 6.98 -18.12 -26.15
C CYS A 76 7.75 -16.84 -26.46
N PHE A 77 8.60 -16.38 -25.54
CA PHE A 77 9.12 -15.01 -25.59
C PHE A 77 10.63 -14.90 -25.56
N PHE A 78 11.37 -16.00 -25.70
CA PHE A 78 12.83 -15.93 -25.57
C PHE A 78 13.50 -15.34 -26.81
N TRP A 79 12.89 -15.51 -27.99
CA TRP A 79 13.57 -15.09 -29.22
C TRP A 79 13.77 -13.58 -29.27
N ARG A 80 12.72 -12.80 -29.00
CA ARG A 80 12.86 -11.36 -28.96
C ARG A 80 13.76 -10.92 -27.81
N PHE A 81 13.75 -11.66 -26.71
CA PHE A 81 14.65 -11.38 -25.60
C PHE A 81 16.11 -11.45 -26.05
N MET A 82 16.48 -12.52 -26.73
CA MET A 82 17.85 -12.64 -27.24
C MET A 82 18.13 -11.62 -28.34
N PHE A 83 17.13 -11.30 -29.15
CA PHE A 83 17.32 -10.31 -30.21
C PHE A 83 17.67 -8.95 -29.63
N TYR A 84 17.00 -8.56 -28.54
CA TYR A 84 17.36 -7.31 -27.88
C TYR A 84 18.67 -7.43 -27.11
N GLY A 85 18.96 -8.62 -26.57
CA GLY A 85 20.19 -8.80 -25.82
C GLY A 85 21.44 -8.67 -26.67
N ILE A 86 21.41 -9.19 -27.89
CA ILE A 86 22.59 -9.08 -28.74
C ILE A 86 22.84 -7.61 -29.11
N PHE A 87 21.79 -6.84 -29.32
CA PHE A 87 21.96 -5.41 -29.56
C PHE A 87 22.53 -4.72 -28.34
N LEU A 88 22.06 -5.09 -27.15
CA LEU A 88 22.61 -4.50 -25.93
C LEU A 88 24.09 -4.82 -25.79
N TYR A 89 24.47 -6.07 -26.08
CA TYR A 89 25.89 -6.45 -25.98
C TYR A 89 26.73 -5.69 -26.98
N LEU A 90 26.25 -5.56 -28.23
CA LEU A 90 27.03 -4.84 -29.22
C LEU A 90 27.13 -3.36 -28.89
N GLY A 91 26.11 -2.80 -28.23
CA GLY A 91 26.21 -1.44 -27.74
C GLY A 91 27.25 -1.29 -26.65
N GLU A 92 27.30 -2.25 -25.72
CA GLU A 92 28.29 -2.17 -24.64
C GLU A 92 29.71 -2.43 -25.14
N VAL A 93 29.86 -3.19 -26.22
CA VAL A 93 31.19 -3.44 -26.78
C VAL A 93 31.83 -2.13 -27.23
N THR A 94 31.04 -1.22 -27.79
CA THR A 94 31.58 0.07 -28.20
C THR A 94 32.09 0.86 -26.99
N LYS A 95 31.34 0.83 -25.89
CA LYS A 95 31.80 1.49 -24.67
C LYS A 95 33.10 0.86 -24.17
N ALA A 96 33.21 -0.46 -24.28
CA ALA A 96 34.44 -1.14 -23.89
C ALA A 96 35.62 -0.73 -24.77
N VAL A 97 35.38 -0.58 -26.07
CA VAL A 97 36.46 -0.45 -27.04
C VAL A 97 36.91 1.00 -27.21
N GLN A 98 36.03 1.98 -26.97
CA GLN A 98 36.35 3.37 -27.30
C GLN A 98 37.61 3.93 -26.63
N PRO A 99 38.07 3.48 -25.46
CA PRO A 99 39.31 4.07 -24.92
C PRO A 99 40.54 3.85 -25.78
N LEU A 100 40.55 2.87 -26.68
CA LEU A 100 41.68 2.70 -27.58
C LEU A 100 41.87 3.93 -28.46
N LEU A 101 40.76 4.48 -28.97
CA LEU A 101 40.85 5.72 -29.74
C LEU A 101 41.37 6.85 -28.87
N LEU A 102 40.99 6.87 -27.59
CA LEU A 102 41.51 7.87 -26.67
C LEU A 102 43.04 7.77 -26.56
N GLY A 103 43.54 6.56 -26.37
CA GLY A 103 44.98 6.37 -26.27
C GLY A 103 45.71 6.76 -27.54
N ARG A 104 45.14 6.40 -28.70
CA ARG A 104 45.76 6.76 -29.96
C ARG A 104 45.76 8.27 -30.18
N ILE A 105 44.68 8.96 -29.77
CA ILE A 105 44.64 10.41 -29.87
C ILE A 105 45.71 11.03 -28.97
N ILE A 106 45.85 10.51 -27.75
CA ILE A 106 46.87 11.03 -26.84
C ILE A 106 48.26 10.83 -27.43
N ALA A 107 48.49 9.68 -28.06
CA ALA A 107 49.76 9.45 -28.73
C ALA A 107 49.96 10.44 -29.88
N SER A 108 48.90 10.74 -30.62
CA SER A 108 48.99 11.68 -31.74
C SER A 108 49.38 13.07 -31.25
N TYR A 109 48.79 13.51 -30.14
CA TYR A 109 49.11 14.85 -29.63
C TYR A 109 50.49 14.89 -28.98
N ASP A 110 50.93 13.77 -28.40
CA ASP A 110 52.18 13.76 -27.64
C ASP A 110 53.37 14.02 -28.56
N PRO A 111 54.43 14.64 -28.05
CA PRO A 111 55.58 14.99 -28.90
C PRO A 111 56.38 13.79 -29.39
N ASP A 112 56.01 12.57 -29.03
CA ASP A 112 56.74 11.40 -29.52
C ASP A 112 56.63 11.28 -31.03
N ASN A 113 55.45 11.54 -31.59
CA ASN A 113 55.19 11.38 -33.00
C ASN A 113 55.05 12.74 -33.67
N LYS A 114 55.48 12.80 -34.93
CA LYS A 114 55.39 14.02 -35.74
C LYS A 114 54.09 14.13 -36.52
N GLU A 115 53.17 13.18 -36.35
CA GLU A 115 51.92 13.20 -37.10
C GLU A 115 51.13 14.47 -36.79
N GLU A 116 50.57 15.08 -37.83
CA GLU A 116 49.85 16.32 -37.67
C GLU A 116 48.51 16.09 -37.00
N ARG A 117 47.83 17.19 -36.65
CA ARG A 117 46.54 17.13 -35.97
C ARG A 117 45.43 16.59 -36.85
N SER A 118 45.66 16.44 -38.15
CA SER A 118 44.63 15.91 -39.04
C SER A 118 44.26 14.47 -38.66
N ILE A 119 45.25 13.64 -38.36
CA ILE A 119 44.97 12.27 -37.95
C ILE A 119 44.22 12.27 -36.61
N ALA A 120 44.62 13.14 -35.69
CA ALA A 120 43.96 13.21 -34.39
C ALA A 120 42.50 13.62 -34.51
N ILE A 121 42.20 14.59 -35.36
CA ILE A 121 40.80 15.00 -35.53
C ILE A 121 40.02 13.94 -36.30
N TYR A 122 40.66 13.26 -37.26
CA TYR A 122 40.01 12.15 -37.94
C TYR A 122 39.64 11.03 -36.97
N LEU A 123 40.45 10.85 -35.93
CA LEU A 123 40.10 9.87 -34.90
C LEU A 123 39.04 10.40 -33.94
N GLY A 124 39.08 11.69 -33.63
CA GLY A 124 38.08 12.25 -32.72
C GLY A 124 36.68 12.21 -33.29
N ILE A 125 36.54 12.50 -34.59
CA ILE A 125 35.22 12.42 -35.21
C ILE A 125 34.72 10.97 -35.17
N GLY A 126 35.62 10.01 -35.35
CA GLY A 126 35.23 8.61 -35.23
C GLY A 126 34.79 8.25 -33.83
N LEU A 127 35.47 8.80 -32.81
CA LEU A 127 35.06 8.56 -31.43
C LEU A 127 33.67 9.10 -31.15
N CYS A 128 33.39 10.32 -31.63
CA CYS A 128 32.05 10.87 -31.43
C CYS A 128 31.00 10.06 -32.17
N LEU A 129 31.31 9.62 -33.39
CA LEU A 129 30.40 8.73 -34.10
C LEU A 129 30.17 7.44 -33.34
N LEU A 130 31.21 6.94 -32.66
CA LEU A 130 31.06 5.75 -31.84
C LEU A 130 30.10 5.98 -30.69
N PHE A 131 30.18 7.16 -30.04
CA PHE A 131 29.21 7.46 -28.99
C PHE A 131 27.80 7.56 -29.54
N ILE A 132 27.63 8.19 -30.70
CA ILE A 132 26.29 8.27 -31.29
C ILE A 132 25.75 6.88 -31.57
N VAL A 133 26.58 6.00 -32.12
CA VAL A 133 26.16 4.63 -32.42
C VAL A 133 25.82 3.88 -31.13
N ARG A 134 26.62 4.06 -30.08
CA ARG A 134 26.35 3.33 -28.85
C ARG A 134 25.03 3.78 -28.22
N THR A 135 24.74 5.08 -28.26
CA THR A 135 23.45 5.55 -27.74
C THR A 135 22.30 4.97 -28.57
N LEU A 136 22.43 5.05 -29.90
CA LEU A 136 21.35 4.60 -30.78
C LEU A 136 21.10 3.10 -30.67
N LEU A 137 22.13 2.32 -30.40
CA LEU A 137 21.96 0.88 -30.27
C LEU A 137 21.77 0.43 -28.83
N LEU A 138 21.88 1.34 -27.86
CA LEU A 138 21.64 0.98 -26.47
C LEU A 138 20.19 1.27 -26.05
N HIS A 139 19.75 2.51 -26.22
CA HIS A 139 18.45 2.89 -25.63
C HIS A 139 17.26 2.13 -26.23
N PRO A 140 17.10 2.02 -27.55
CA PRO A 140 15.95 1.24 -28.07
C PRO A 140 15.93 -0.21 -27.62
N ALA A 141 17.10 -0.83 -27.44
CA ALA A 141 17.12 -2.20 -26.94
C ALA A 141 16.57 -2.27 -25.52
N ILE A 142 16.91 -1.29 -24.68
CA ILE A 142 16.36 -1.24 -23.33
C ILE A 142 14.85 -1.06 -23.38
N PHE A 143 14.36 -0.20 -24.28
CA PHE A 143 12.91 -0.03 -24.40
C PHE A 143 12.24 -1.32 -24.85
N GLY A 144 12.85 -2.04 -25.78
CA GLY A 144 12.29 -3.31 -26.21
C GLY A 144 12.25 -4.34 -25.10
N LEU A 145 13.29 -4.38 -24.27
CA LEU A 145 13.29 -5.28 -23.12
C LEU A 145 12.19 -4.91 -22.14
N HIS A 146 11.97 -3.61 -21.92
CA HIS A 146 10.87 -3.18 -21.08
C HIS A 146 9.52 -3.58 -21.67
N HIS A 147 9.39 -3.51 -22.99
CA HIS A 147 8.17 -3.98 -23.65
C HIS A 147 7.95 -5.47 -23.41
N ILE A 148 9.03 -6.26 -23.52
CA ILE A 148 8.93 -7.69 -23.25
C ILE A 148 8.48 -7.94 -21.81
N GLY A 149 9.03 -7.17 -20.87
CA GLY A 149 8.57 -7.27 -19.49
C GLY A 149 7.11 -6.92 -19.34
N MET A 150 6.64 -5.92 -20.10
CA MET A 150 5.23 -5.56 -20.09
C MET A 150 4.35 -6.73 -20.50
N GLN A 151 4.68 -7.35 -21.64
CA GLN A 151 3.90 -8.51 -22.08
C GLN A 151 3.96 -9.63 -21.05
N MET A 152 5.15 -9.85 -20.46
CA MET A 152 5.30 -10.84 -19.41
C MET A 152 4.32 -10.61 -18.26
N ARG A 153 4.32 -9.39 -17.72
CA ARG A 153 3.47 -9.10 -16.57
C ARG A 153 2.00 -9.25 -16.92
N ILE A 154 1.60 -8.76 -18.10
CA ILE A 154 0.19 -8.80 -18.47
C ILE A 154 -0.27 -10.25 -18.62
N ALA A 155 0.52 -11.07 -19.32
CA ALA A 155 0.15 -12.47 -19.49
C ALA A 155 0.09 -13.21 -18.17
N MET A 156 1.07 -12.98 -17.29
CA MET A 156 1.07 -13.63 -15.99
C MET A 156 -0.15 -13.25 -15.19
N PHE A 157 -0.50 -11.96 -15.15
CA PHE A 157 -1.66 -11.52 -14.38
C PHE A 157 -2.94 -12.13 -14.93
N SER A 158 -3.10 -12.14 -16.25
CA SER A 158 -4.30 -12.71 -16.84
C SER A 158 -4.44 -14.19 -16.51
N LEU A 159 -3.34 -14.94 -16.65
CA LEU A 159 -3.41 -16.38 -16.41
C LEU A 159 -3.69 -16.67 -14.93
N ILE A 160 -3.04 -15.94 -14.02
CA ILE A 160 -3.28 -16.22 -12.61
C ILE A 160 -4.68 -15.81 -12.19
N TYR A 161 -5.25 -14.77 -12.83
CA TYR A 161 -6.65 -14.46 -12.55
C TYR A 161 -7.58 -15.56 -13.04
N LYS A 162 -7.29 -16.10 -14.23
CA LYS A 162 -8.09 -17.23 -14.72
C LYS A 162 -8.03 -18.40 -13.73
N LYS A 163 -6.83 -18.70 -13.22
CA LYS A 163 -6.70 -19.78 -12.26
C LYS A 163 -7.45 -19.48 -10.96
N THR A 164 -7.28 -18.28 -10.42
CA THR A 164 -7.91 -17.96 -9.14
C THR A 164 -9.42 -17.89 -9.26
N LEU A 165 -9.96 -17.69 -10.46
CA LEU A 165 -11.40 -17.82 -10.63
C LEU A 165 -11.83 -19.26 -10.88
N LYS A 166 -10.94 -20.09 -11.42
CA LYS A 166 -11.22 -21.51 -11.62
C LYS A 166 -10.78 -22.38 -10.44
N LEU A 167 -10.55 -21.78 -9.27
CA LEU A 167 -10.04 -22.53 -8.13
C LEU A 167 -11.08 -23.53 -7.61
N SER A 168 -10.57 -24.60 -7.00
CA SER A 168 -11.43 -25.55 -6.32
C SER A 168 -11.95 -24.98 -5.02
N SER A 169 -13.08 -25.53 -4.55
CA SER A 169 -13.71 -25.00 -3.35
C SER A 169 -12.95 -25.41 -2.09
N ARG A 170 -12.20 -26.50 -2.13
CA ARG A 170 -11.55 -27.02 -0.93
C ARG A 170 -10.47 -26.06 -0.43
N VAL A 171 -9.63 -25.56 -1.33
CA VAL A 171 -8.52 -24.70 -0.94
C VAL A 171 -8.94 -23.26 -0.70
N LEU A 172 -10.22 -22.94 -0.87
CA LEU A 172 -10.68 -21.57 -0.65
C LEU A 172 -10.53 -21.15 0.81
N ASP A 173 -10.85 -22.06 1.73
CA ASP A 173 -10.77 -21.74 3.15
C ASP A 173 -9.35 -21.85 3.72
N LYS A 174 -8.39 -22.28 2.91
CA LYS A 174 -6.97 -22.13 3.25
C LYS A 174 -6.64 -20.65 3.04
N ILE A 175 -7.01 -19.84 4.03
CA ILE A 175 -7.04 -18.39 3.89
C ILE A 175 -5.65 -17.86 3.61
N SER A 176 -5.45 -17.35 2.39
CA SER A 176 -4.18 -16.81 1.95
C SER A 176 -4.41 -15.53 1.16
N ILE A 177 -5.37 -14.72 1.61
CA ILE A 177 -5.66 -13.46 0.93
C ILE A 177 -4.45 -12.53 0.99
N GLY A 178 -3.76 -12.51 2.12
CA GLY A 178 -2.53 -11.74 2.21
C GLY A 178 -1.48 -12.22 1.23
N GLN A 179 -1.34 -13.54 1.10
CA GLN A 179 -0.40 -14.09 0.12
C GLN A 179 -0.76 -13.68 -1.29
N LEU A 180 -2.04 -13.73 -1.63
CA LEU A 180 -2.46 -13.39 -2.99
C LEU A 180 -2.26 -11.91 -3.29
N VAL A 181 -2.62 -11.04 -2.35
CA VAL A 181 -2.45 -9.61 -2.57
C VAL A 181 -0.96 -9.25 -2.62
N SER A 182 -0.13 -9.93 -1.81
CA SER A 182 1.31 -9.72 -1.92
C SER A 182 1.83 -10.16 -3.28
N LEU A 183 1.34 -11.30 -3.78
CA LEU A 183 1.76 -11.79 -5.10
C LEU A 183 1.41 -10.80 -6.19
N LEU A 184 0.21 -10.22 -6.13
CA LEU A 184 -0.18 -9.26 -7.16
C LEU A 184 0.32 -7.84 -6.90
N SER A 185 0.92 -7.57 -5.74
CA SER A 185 1.43 -6.24 -5.44
C SER A 185 2.94 -6.12 -5.62
N ASN A 186 3.72 -6.99 -4.96
CA ASN A 186 5.17 -6.82 -4.94
C ASN A 186 5.84 -7.13 -6.28
N ASN A 187 5.12 -7.72 -7.23
CA ASN A 187 5.73 -8.20 -8.45
C ASN A 187 5.63 -7.23 -9.61
N LEU A 188 4.66 -6.31 -9.58
CA LEU A 188 4.32 -5.54 -10.77
C LEU A 188 5.49 -4.69 -11.26
N ASN A 189 6.25 -4.08 -10.35
CA ASN A 189 7.39 -3.28 -10.76
C ASN A 189 8.65 -4.12 -10.92
N LYS A 190 8.84 -5.08 -10.02
CA LYS A 190 10.08 -5.86 -10.02
C LYS A 190 10.21 -6.73 -11.26
N PHE A 191 9.13 -7.40 -11.67
CA PHE A 191 9.19 -8.27 -12.84
C PHE A 191 9.11 -7.50 -14.15
N ASP A 192 8.78 -6.21 -14.11
CA ASP A 192 8.68 -5.40 -15.31
C ASP A 192 9.93 -4.58 -15.59
N GLU A 193 10.37 -3.78 -14.62
CA GLU A 193 11.56 -2.96 -14.83
C GLU A 193 12.83 -3.79 -14.86
N GLY A 194 12.90 -4.86 -14.06
CA GLY A 194 14.13 -5.62 -13.91
C GLY A 194 14.48 -6.53 -15.07
N LEU A 195 13.56 -6.77 -16.01
CA LEU A 195 13.85 -7.67 -17.10
C LEU A 195 14.93 -7.10 -18.02
N ALA A 196 14.92 -5.78 -18.21
CA ALA A 196 15.96 -5.16 -19.03
C ALA A 196 17.33 -5.34 -18.42
N LEU A 197 17.44 -5.16 -17.10
CA LEU A 197 18.71 -5.37 -16.41
C LEU A 197 19.08 -6.84 -16.31
N ALA A 198 18.10 -7.74 -16.45
CA ALA A 198 18.34 -9.16 -16.26
C ALA A 198 19.26 -9.76 -17.33
N HIS A 199 19.46 -9.07 -18.44
CA HIS A 199 20.25 -9.65 -19.52
C HIS A 199 21.75 -9.54 -19.30
N PHE A 200 22.19 -8.87 -18.23
CA PHE A 200 23.61 -8.67 -17.96
C PHE A 200 24.25 -9.85 -17.24
N VAL A 201 23.60 -11.02 -17.21
CA VAL A 201 24.18 -12.17 -16.51
C VAL A 201 25.43 -12.66 -17.23
N TRP A 202 25.44 -12.61 -18.57
CA TRP A 202 26.64 -12.95 -19.34
C TRP A 202 27.30 -11.75 -19.98
N ILE A 203 26.62 -10.61 -20.05
CA ILE A 203 27.22 -9.41 -20.61
C ILE A 203 28.43 -9.00 -19.79
N ALA A 204 28.32 -9.04 -18.46
CA ALA A 204 29.46 -8.70 -17.62
C ALA A 204 30.64 -9.66 -17.79
N PRO A 205 30.45 -10.99 -17.77
CA PRO A 205 31.60 -11.87 -18.06
C PRO A 205 32.20 -11.63 -19.44
N LEU A 206 31.40 -11.44 -20.48
CA LEU A 206 31.96 -11.17 -21.80
C LEU A 206 32.72 -9.85 -21.81
N GLN A 207 32.20 -8.83 -21.13
CA GLN A 207 32.86 -7.54 -21.09
C GLN A 207 34.19 -7.62 -20.34
N VAL A 208 34.23 -8.33 -19.22
CA VAL A 208 35.50 -8.43 -18.49
C VAL A 208 36.50 -9.26 -19.28
N ALA A 209 36.03 -10.30 -19.98
CA ALA A 209 36.92 -11.07 -20.83
C ALA A 209 37.52 -10.19 -21.93
N LEU A 210 36.69 -9.38 -22.59
CA LEU A 210 37.19 -8.48 -23.62
C LEU A 210 38.16 -7.46 -23.03
N LEU A 211 37.82 -6.89 -21.86
CA LEU A 211 38.67 -5.89 -21.24
C LEU A 211 40.04 -6.45 -20.91
N MET A 212 40.10 -7.65 -20.34
CA MET A 212 41.37 -8.23 -19.93
C MET A 212 42.06 -9.02 -21.04
N GLY A 213 41.42 -9.17 -22.19
CA GLY A 213 42.12 -9.66 -23.36
C GLY A 213 42.60 -8.52 -24.24
N LEU A 214 42.10 -7.32 -23.97
CA LEU A 214 42.54 -6.13 -24.68
C LEU A 214 43.56 -5.32 -23.90
N ILE A 215 43.60 -5.44 -22.58
CA ILE A 215 44.73 -4.95 -21.80
C ILE A 215 45.88 -5.92 -21.94
N TRP A 216 47.09 -5.37 -22.07
CA TRP A 216 48.31 -6.17 -22.06
C TRP A 216 48.37 -7.05 -20.83
N GLU A 217 48.72 -8.31 -21.03
CA GLU A 217 48.81 -9.28 -19.93
C GLU A 217 50.10 -9.10 -19.15
N SER A 222 50.64 -8.61 -13.39
CA SER A 222 50.47 -7.48 -14.29
C SER A 222 49.17 -6.75 -14.01
N ALA A 223 48.21 -6.88 -14.92
CA ALA A 223 46.92 -6.23 -14.79
C ALA A 223 45.90 -7.07 -14.03
N PHE A 224 46.23 -8.32 -13.68
CA PHE A 224 45.31 -9.17 -12.95
C PHE A 224 45.05 -8.67 -11.54
N CYS A 225 45.91 -7.79 -11.01
CA CYS A 225 45.70 -7.27 -9.67
C CYS A 225 44.43 -6.43 -9.59
N GLY A 226 44.01 -5.82 -10.70
CA GLY A 226 42.74 -5.12 -10.73
C GLY A 226 41.56 -6.04 -10.51
N LEU A 227 41.58 -7.22 -11.16
CA LEU A 227 40.56 -8.22 -10.91
C LEU A 227 40.60 -8.71 -9.46
N GLY A 228 41.81 -8.92 -8.93
CA GLY A 228 41.92 -9.36 -7.55
C GLY A 228 41.34 -8.36 -6.57
N PHE A 229 41.54 -7.07 -6.82
CA PHE A 229 40.97 -6.06 -5.94
C PHE A 229 39.46 -5.96 -6.11
N LEU A 230 38.97 -5.98 -7.35
CA LEU A 230 37.54 -5.89 -7.59
C LEU A 230 36.80 -7.10 -7.03
N ILE A 231 37.39 -8.29 -7.19
CA ILE A 231 36.75 -9.50 -6.66
C ILE A 231 36.62 -9.40 -5.14
N VAL A 232 37.69 -8.94 -4.47
CA VAL A 232 37.59 -8.70 -3.03
C VAL A 232 36.58 -7.61 -2.74
N LEU A 233 36.60 -6.53 -3.52
CA LEU A 233 35.66 -5.43 -3.30
C LEU A 233 34.22 -5.86 -3.57
N ALA A 234 34.01 -6.67 -4.61
CA ALA A 234 32.65 -7.16 -4.89
C ALA A 234 32.14 -8.04 -3.74
N LEU A 235 33.01 -8.92 -3.22
CA LEU A 235 32.63 -9.71 -2.05
C LEU A 235 32.44 -8.84 -0.82
N PHE A 236 33.23 -7.77 -0.69
CA PHE A 236 33.06 -6.84 0.43
C PHE A 236 31.70 -6.16 0.37
N GLN A 237 31.25 -5.77 -0.83
CA GLN A 237 29.93 -5.15 -0.96
C GLN A 237 28.84 -6.12 -0.53
N ALA A 238 28.95 -7.38 -0.95
CA ALA A 238 28.01 -8.40 -0.46
C ALA A 238 28.20 -8.64 1.02
N GLY A 239 29.41 -8.40 1.55
CA GLY A 239 29.62 -8.52 2.98
C GLY A 239 28.83 -7.50 3.77
N LEU A 240 28.81 -6.25 3.30
CA LEU A 240 27.97 -5.24 3.94
C LEU A 240 26.50 -5.42 3.61
N GLY A 241 26.18 -6.09 2.50
CA GLY A 241 24.79 -6.35 2.17
C GLY A 241 24.11 -7.23 3.20
N ARG A 242 24.82 -8.25 3.70
CA ARG A 242 24.28 -9.09 4.76
C ARG A 242 24.05 -8.28 6.04
N MET A 243 24.97 -7.37 6.35
CA MET A 243 24.81 -6.54 7.54
C MET A 243 23.57 -5.65 7.43
N MET A 244 23.28 -5.15 6.23
CA MET A 244 22.08 -4.35 6.02
C MET A 244 20.82 -5.14 6.37
N MET A 245 20.73 -6.38 5.88
CA MET A 245 19.57 -7.20 6.17
C MET A 245 19.50 -7.59 7.64
N LYS A 246 20.65 -7.67 8.31
CA LYS A 246 20.66 -8.00 9.73
C LYS A 246 20.03 -6.89 10.56
N TYR A 247 20.33 -5.63 10.24
CA TYR A 247 19.75 -4.52 10.98
C TYR A 247 18.30 -4.27 10.58
N ARG A 248 17.98 -4.39 9.30
CA ARG A 248 16.61 -4.18 8.85
C ARG A 248 15.66 -5.20 9.45
N ASP A 249 16.06 -6.47 9.49
CA ASP A 249 15.23 -7.50 10.09
C ASP A 249 15.00 -7.23 11.57
N GLN A 250 16.04 -6.81 12.28
CA GLN A 250 15.90 -6.51 13.70
C GLN A 250 14.96 -5.33 13.94
N ARG A 251 15.07 -4.29 13.12
CA ARG A 251 14.27 -3.08 13.31
C ARG A 251 12.83 -3.28 12.88
N ALA A 252 12.57 -4.17 11.92
CA ALA A 252 11.21 -4.35 11.42
C ALA A 252 10.26 -4.84 12.50
N GLY A 253 10.77 -5.60 13.48
CA GLY A 253 9.93 -6.02 14.58
C GLY A 253 9.49 -4.87 15.46
N LYS A 254 10.40 -3.91 15.70
CA LYS A 254 10.10 -2.82 16.63
C LYS A 254 9.13 -1.81 16.01
N ILE A 255 9.26 -1.55 14.70
CA ILE A 255 8.37 -0.58 14.07
C ILE A 255 6.93 -1.09 14.07
N SER A 256 6.74 -2.41 14.04
CA SER A 256 5.39 -2.95 14.17
C SER A 256 4.80 -2.66 15.55
N GLU A 257 5.61 -2.79 16.60
CA GLU A 257 5.14 -2.53 17.95
C GLU A 257 4.77 -1.06 18.14
N ARG A 258 5.58 -0.15 17.59
CA ARG A 258 5.29 1.28 17.75
C ARG A 258 4.12 1.71 16.89
N LEU A 259 3.97 1.12 15.70
CA LEU A 259 2.91 1.54 14.78
C LEU A 259 1.53 1.24 15.36
N VAL A 260 1.37 0.09 16.00
CA VAL A 260 0.05 -0.28 16.52
C VAL A 260 -0.37 0.65 17.66
N ILE A 261 0.60 1.24 18.37
CA ILE A 261 0.27 2.23 19.39
C ILE A 261 -0.33 3.46 18.73
N THR A 262 0.26 3.91 17.63
CA THR A 262 -0.31 5.04 16.89
C THR A 262 -1.64 4.68 16.25
N SER A 263 -1.77 3.42 15.78
CA SER A 263 -3.04 2.99 15.20
C SER A 263 -4.16 3.02 16.23
N GLU A 264 -3.89 2.53 17.44
CA GLU A 264 -4.87 2.63 18.51
C GLU A 264 -5.08 4.06 18.97
N MET A 265 -4.17 4.97 18.60
CA MET A 265 -4.26 6.35 19.06
C MET A 265 -5.32 7.13 18.30
N ILE A 266 -5.41 6.92 16.98
CA ILE A 266 -6.35 7.66 16.16
C ILE A 266 -7.78 7.27 16.52
N GLU A 267 -8.01 5.99 16.81
CA GLU A 267 -9.34 5.49 17.05
C GLU A 267 -9.97 6.04 18.33
N ASN A 268 -9.18 6.66 19.21
CA ASN A 268 -9.71 7.18 20.48
C ASN A 268 -9.18 8.58 20.74
N ILE A 269 -9.16 9.42 19.71
CA ILE A 269 -8.76 10.81 19.89
C ILE A 269 -9.70 11.51 20.86
N GLN A 270 -10.98 11.17 20.82
CA GLN A 270 -11.95 11.75 21.75
C GLN A 270 -11.54 11.46 23.19
N SER A 271 -11.25 10.20 23.49
CA SER A 271 -10.85 9.83 24.85
C SER A 271 -9.53 10.49 25.23
N VAL A 272 -8.58 10.55 24.30
CA VAL A 272 -7.29 11.17 24.62
C VAL A 272 -7.48 12.64 24.96
N LYS A 273 -8.29 13.35 24.18
CA LYS A 273 -8.54 14.76 24.46
C LYS A 273 -9.30 14.94 25.77
N ALA A 274 -10.25 14.04 26.05
CA ALA A 274 -10.99 14.14 27.30
C ALA A 274 -10.08 13.94 28.51
N TYR A 275 -9.17 12.96 28.44
CA TYR A 275 -8.28 12.68 29.55
C TYR A 275 -7.05 13.59 29.59
N CYS A 276 -6.85 14.41 28.56
CA CYS A 276 -5.72 15.34 28.51
C CYS A 276 -4.39 14.58 28.63
N TRP A 277 -4.24 13.53 27.82
CA TRP A 277 -3.10 12.63 27.88
C TRP A 277 -2.06 12.93 26.82
N GLU A 278 -2.12 14.10 26.18
CA GLU A 278 -1.28 14.35 25.01
C GLU A 278 0.20 14.27 25.35
N GLU A 279 0.61 14.79 26.50
CA GLU A 279 2.03 14.82 26.85
C GLU A 279 2.58 13.43 27.10
N ALA A 280 1.86 12.59 27.86
CA ALA A 280 2.37 11.28 28.22
C ALA A 280 2.53 10.40 26.99
N MET A 281 1.53 10.38 26.11
CA MET A 281 1.63 9.60 24.88
C MET A 281 2.70 10.16 23.96
N GLU A 282 2.87 11.48 23.93
CA GLU A 282 3.94 12.08 23.16
C GLU A 282 5.29 11.57 23.65
N LYS A 283 5.49 11.53 24.97
CA LYS A 283 6.74 11.03 25.52
C LYS A 283 6.94 9.55 25.22
N MET A 284 5.87 8.76 25.28
CA MET A 284 5.98 7.33 24.97
C MET A 284 6.41 7.12 23.52
N ILE A 285 5.76 7.82 22.59
CA ILE A 285 6.11 7.69 21.18
C ILE A 285 7.53 8.19 20.93
N GLU A 286 7.92 9.27 21.62
CA GLU A 286 9.28 9.77 21.49
C GLU A 286 10.30 8.75 21.99
N ASN A 287 10.00 8.06 23.09
CA ASN A 287 10.90 7.04 23.60
C ASN A 287 11.03 5.88 22.61
N LEU A 288 9.91 5.45 22.04
CA LEU A 288 9.97 4.37 21.05
C LEU A 288 10.77 4.79 19.82
N ARG A 289 10.56 6.02 19.35
CA ARG A 289 11.32 6.51 18.20
C ARG A 289 12.81 6.61 18.53
N GLN A 290 13.13 7.03 19.76
CA GLN A 290 14.53 7.07 20.18
C GLN A 290 15.15 5.68 20.18
N THR A 291 14.38 4.68 20.61
CA THR A 291 14.87 3.31 20.58
C THR A 291 15.16 2.85 19.15
N GLU A 292 14.24 3.15 18.22
CA GLU A 292 14.44 2.72 16.83
C GLU A 292 15.51 3.54 16.11
N LEU A 293 15.80 4.75 16.60
CA LEU A 293 16.70 5.65 15.90
C LEU A 293 18.12 5.12 15.86
N LYS A 294 18.56 4.41 16.91
CA LYS A 294 19.92 3.85 16.91
C LYS A 294 20.09 2.83 15.79
N LEU A 295 19.10 1.94 15.64
CA LEU A 295 19.17 0.93 14.58
C LEU A 295 19.11 1.59 13.20
N THR A 296 18.24 2.60 13.05
CA THR A 296 18.17 3.29 11.77
C THR A 296 19.49 3.99 11.45
N ARG A 297 20.12 4.60 12.46
CA ARG A 297 21.42 5.24 12.25
C ARG A 297 22.48 4.23 11.86
N LYS A 298 22.47 3.06 12.49
CA LYS A 298 23.45 2.02 12.12
C LYS A 298 23.27 1.58 10.67
N ALA A 299 22.01 1.38 10.25
CA ALA A 299 21.76 1.01 8.86
C ALA A 299 22.23 2.10 7.91
N ALA A 300 21.95 3.36 8.24
CA ALA A 300 22.39 4.45 7.39
C ALA A 300 23.91 4.52 7.34
N TYR A 301 24.58 4.26 8.47
CA TYR A 301 26.04 4.29 8.50
C TYR A 301 26.64 3.21 7.61
N VAL A 302 26.09 2.00 7.68
CA VAL A 302 26.65 0.94 6.83
C VAL A 302 26.37 1.22 5.37
N ARG A 303 25.20 1.80 5.04
CA ARG A 303 24.95 2.18 3.66
C ARG A 303 25.94 3.24 3.18
N TYR A 304 26.24 4.22 4.04
CA TYR A 304 27.23 5.24 3.69
C TYR A 304 28.60 4.62 3.47
N PHE A 305 29.01 3.68 4.33
CA PHE A 305 30.30 3.03 4.13
C PHE A 305 30.34 2.26 2.82
N ASN A 306 29.25 1.58 2.48
CA ASN A 306 29.20 0.86 1.21
C ASN A 306 29.36 1.83 0.03
N SER A 307 28.60 2.92 0.03
CA SER A 307 28.67 3.87 -1.08
C SER A 307 30.05 4.53 -1.16
N SER A 308 30.62 4.89 0.00
CA SER A 308 31.93 5.53 0.00
C SER A 308 33.02 4.57 -0.46
N ALA A 309 32.91 3.29 -0.09
CA ALA A 309 33.86 2.30 -0.59
C ALA A 309 33.76 2.16 -2.10
N PHE A 310 32.54 2.13 -2.63
CA PHE A 310 32.39 2.07 -4.09
C PHE A 310 33.00 3.30 -4.75
N PHE A 311 32.80 4.48 -4.17
CA PHE A 311 33.31 5.70 -4.78
C PHE A 311 34.84 5.79 -4.69
N PHE A 312 35.41 5.33 -3.58
CA PHE A 312 36.86 5.36 -3.41
C PHE A 312 37.57 4.18 -4.10
N SER A 313 36.81 3.20 -4.60
CA SER A 313 37.44 2.13 -5.38
C SER A 313 38.26 2.70 -6.53
N GLY A 314 37.68 3.63 -7.29
CA GLY A 314 38.28 4.20 -8.49
C GLY A 314 39.77 4.47 -8.46
N PHE A 315 40.27 4.98 -7.34
CA PHE A 315 41.70 5.26 -7.24
C PHE A 315 42.50 3.98 -7.05
N PHE A 316 42.16 3.20 -6.02
CA PHE A 316 42.96 2.04 -5.67
C PHE A 316 42.92 0.97 -6.75
N VAL A 317 41.79 0.85 -7.44
CA VAL A 317 41.64 -0.17 -8.47
C VAL A 317 42.60 0.03 -9.64
N VAL A 318 43.09 1.25 -9.83
CA VAL A 318 44.07 1.52 -10.88
C VAL A 318 45.46 1.62 -10.25
N PHE A 319 45.51 2.06 -8.98
CA PHE A 319 46.79 2.18 -8.30
C PHE A 319 47.46 0.81 -8.15
N LEU A 320 46.71 -0.15 -7.61
CA LEU A 320 47.21 -1.52 -7.44
C LEU A 320 47.40 -2.24 -8.76
N SER A 321 46.90 -1.69 -9.87
CA SER A 321 47.16 -2.25 -11.19
C SER A 321 48.41 -1.65 -11.83
N VAL A 322 48.71 -0.38 -11.54
CA VAL A 322 49.85 0.26 -12.16
C VAL A 322 51.14 -0.03 -11.39
N LEU A 323 51.07 -0.12 -10.06
CA LEU A 323 52.27 -0.43 -9.27
C LEU A 323 52.99 -1.71 -9.70
N PRO A 324 52.33 -2.82 -10.04
CA PRO A 324 53.09 -3.97 -10.55
C PRO A 324 53.91 -3.66 -11.79
N TYR A 325 53.43 -2.76 -12.64
CA TYR A 325 54.15 -2.34 -13.83
C TYR A 325 54.88 -1.02 -13.64
N ALA A 326 54.81 -0.43 -12.45
CA ALA A 326 55.51 0.81 -12.17
C ALA A 326 56.94 0.61 -11.67
N LEU A 327 57.31 -0.62 -11.30
CA LEU A 327 58.67 -0.91 -10.85
C LEU A 327 59.65 -0.97 -12.02
N ILE A 328 59.16 -0.90 -13.25
CA ILE A 328 59.98 -1.09 -14.45
C ILE A 328 60.53 0.24 -14.96
N LYS A 329 60.57 1.26 -14.10
CA LYS A 329 61.19 2.57 -14.36
C LYS A 329 60.71 3.18 -15.68
N GLY A 330 59.42 3.50 -15.68
CA GLY A 330 58.84 4.29 -16.76
C GLY A 330 57.37 4.03 -17.01
N ILE A 331 56.60 5.12 -17.13
CA ILE A 331 55.18 5.09 -17.44
C ILE A 331 54.87 6.32 -18.26
N ILE A 332 54.40 6.13 -19.49
CA ILE A 332 54.00 7.23 -20.35
C ILE A 332 52.55 7.59 -20.04
N LEU A 333 52.25 8.88 -20.02
CA LEU A 333 50.93 9.35 -19.60
C LEU A 333 49.82 8.78 -20.48
N ARG A 334 50.14 8.46 -21.74
CA ARG A 334 49.16 7.80 -22.59
C ARG A 334 48.74 6.46 -22.01
N LYS A 335 49.69 5.66 -21.52
CA LYS A 335 49.37 4.37 -20.95
C LYS A 335 48.51 4.51 -19.69
N ILE A 336 48.85 5.46 -18.83
CA ILE A 336 48.10 5.61 -17.59
C ILE A 336 46.69 6.13 -17.87
N PHE A 337 46.56 7.03 -18.84
CA PHE A 337 45.23 7.53 -19.19
C PHE A 337 44.37 6.44 -19.80
N THR A 338 44.94 5.62 -20.70
CA THR A 338 44.15 4.56 -21.29
C THR A 338 43.82 3.48 -20.28
N THR A 339 44.70 3.22 -19.31
CA THR A 339 44.35 2.23 -18.30
C THR A 339 43.29 2.77 -17.34
N ILE A 340 43.28 4.07 -17.09
CA ILE A 340 42.18 4.68 -16.32
C ILE A 340 40.87 4.48 -17.07
N SER A 341 40.87 4.78 -18.37
CA SER A 341 39.65 4.69 -19.16
C SER A 341 39.18 3.25 -19.31
N PHE A 342 40.09 2.28 -19.29
CA PHE A 342 39.67 0.88 -19.31
C PHE A 342 39.14 0.44 -17.94
N CYS A 343 39.82 0.87 -16.87
CA CYS A 343 39.49 0.38 -15.54
C CYS A 343 38.18 0.95 -15.03
N ILE A 344 37.80 2.16 -15.46
CA ILE A 344 36.49 2.68 -15.07
C ILE A 344 35.38 1.80 -15.61
N VAL A 345 35.48 1.40 -16.88
CA VAL A 345 34.48 0.52 -17.47
C VAL A 345 34.52 -0.86 -16.83
N LEU A 346 35.72 -1.36 -16.54
CA LEU A 346 35.83 -2.65 -15.88
C LEU A 346 35.15 -2.64 -14.51
N ARG A 347 35.37 -1.58 -13.73
CA ARG A 347 34.72 -1.45 -12.43
C ARG A 347 33.20 -1.37 -12.59
N MET A 348 32.74 -0.58 -13.57
CA MET A 348 31.31 -0.47 -13.81
C MET A 348 30.69 -1.82 -14.12
N ALA A 349 31.38 -2.64 -14.92
CA ALA A 349 30.85 -3.94 -15.29
C ALA A 349 30.92 -4.95 -14.16
N VAL A 350 31.94 -4.86 -13.29
CA VAL A 350 32.14 -5.87 -12.26
C VAL A 350 31.33 -5.57 -11.01
N THR A 351 31.56 -4.40 -10.40
CA THR A 351 31.06 -4.17 -9.05
C THR A 351 29.56 -3.93 -8.97
N ARG A 352 28.92 -3.49 -10.07
CA ARG A 352 27.51 -3.16 -10.03
C ARG A 352 26.67 -4.00 -10.98
N GLN A 353 27.05 -4.06 -12.26
CA GLN A 353 26.19 -4.67 -13.27
C GLN A 353 25.99 -6.15 -13.02
N PHE A 354 27.08 -6.87 -12.76
CA PHE A 354 26.97 -8.32 -12.51
C PHE A 354 26.18 -8.64 -11.25
N PRO A 355 26.44 -8.03 -10.09
CA PRO A 355 25.59 -8.33 -8.92
C PRO A 355 24.13 -7.95 -9.15
N TRP A 356 23.87 -6.82 -9.80
CA TRP A 356 22.48 -6.43 -10.06
C TRP A 356 21.78 -7.45 -10.95
N ALA A 357 22.48 -7.90 -12.01
CA ALA A 357 21.89 -8.88 -12.91
C ALA A 357 21.63 -10.20 -12.20
N VAL A 358 22.58 -10.65 -11.38
CA VAL A 358 22.40 -11.90 -10.66
C VAL A 358 21.22 -11.81 -9.70
N GLN A 359 21.13 -10.71 -8.96
CA GLN A 359 20.06 -10.55 -7.99
C GLN A 359 18.69 -10.48 -8.68
N THR A 360 18.60 -9.73 -9.79
CA THR A 360 17.31 -9.63 -10.47
C THR A 360 16.93 -10.94 -11.16
N TRP A 361 17.91 -11.71 -11.66
CA TRP A 361 17.61 -13.03 -12.21
C TRP A 361 17.08 -13.96 -11.14
N TYR A 362 17.72 -13.94 -9.96
CA TYR A 362 17.25 -14.78 -8.86
C TYR A 362 15.84 -14.39 -8.43
N ASP A 363 15.57 -13.07 -8.33
CA ASP A 363 14.24 -12.62 -7.94
C ASP A 363 13.18 -13.00 -8.96
N SER A 364 13.49 -12.84 -10.25
CA SER A 364 12.53 -13.20 -11.29
C SER A 364 12.25 -14.69 -11.28
N LEU A 365 13.29 -15.52 -11.14
CA LEU A 365 13.09 -16.96 -11.11
C LEU A 365 12.26 -17.37 -9.89
N GLY A 366 12.53 -16.76 -8.73
CA GLY A 366 11.73 -17.05 -7.55
C GLY A 366 10.27 -16.67 -7.74
N ALA A 367 10.02 -15.50 -8.32
CA ALA A 367 8.64 -15.08 -8.54
C ALA A 367 7.92 -16.01 -9.51
N ILE A 368 8.59 -16.41 -10.58
CA ILE A 368 7.97 -17.32 -11.55
C ILE A 368 7.69 -18.67 -10.91
N ASN A 369 8.62 -19.18 -10.10
CA ASN A 369 8.41 -20.45 -9.43
C ASN A 369 7.24 -20.37 -8.45
N LYS A 370 7.13 -19.26 -7.71
CA LYS A 370 6.00 -19.09 -6.80
C LYS A 370 4.68 -19.03 -7.55
N ILE A 371 4.66 -18.32 -8.69
CA ILE A 371 3.44 -18.23 -9.48
C ILE A 371 3.04 -19.61 -9.99
N GLN A 372 4.01 -20.39 -10.48
CA GLN A 372 3.71 -21.74 -10.94
C GLN A 372 3.20 -22.61 -9.81
N ASP A 373 3.80 -22.50 -8.63
CA ASP A 373 3.37 -23.29 -7.48
C ASP A 373 1.92 -22.96 -7.11
N PHE A 374 1.57 -21.68 -7.11
CA PHE A 374 0.18 -21.32 -6.86
C PHE A 374 -0.73 -21.83 -7.96
N LEU A 375 -0.29 -21.76 -9.21
CA LEU A 375 -1.12 -22.16 -10.34
C LEU A 375 -1.38 -23.66 -10.35
N GLN A 376 -0.47 -24.46 -9.80
CA GLN A 376 -0.59 -25.90 -9.82
C GLN A 376 -1.62 -26.43 -8.81
N LYS A 377 -2.46 -25.57 -8.24
CA LYS A 377 -3.47 -26.02 -7.29
C LYS A 377 -4.54 -26.86 -7.98
N GLN A 378 -5.24 -27.66 -7.19
CA GLN A 378 -6.28 -28.53 -7.72
C GLN A 378 -7.42 -27.72 -8.29
N GLU A 379 -7.96 -28.18 -9.42
CA GLU A 379 -8.97 -27.46 -10.16
C GLU A 379 -10.37 -27.77 -9.64
N TYR A 380 -11.35 -27.04 -10.18
CA TYR A 380 -12.76 -27.26 -9.88
C TYR A 380 -13.37 -28.11 -10.99
N LYS A 381 -13.88 -29.27 -10.62
CA LYS A 381 -14.43 -30.23 -11.58
C LYS A 381 -15.95 -30.17 -11.52
N THR A 382 -16.55 -29.56 -12.53
CA THR A 382 -18.00 -29.59 -12.65
C THR A 382 -18.45 -30.93 -13.22
N LEU A 383 -19.71 -31.25 -12.98
CA LEU A 383 -20.30 -32.50 -13.42
C LEU A 383 -21.52 -32.22 -14.30
N GLU A 384 -21.65 -32.99 -15.37
CA GLU A 384 -22.83 -32.87 -16.23
C GLU A 384 -24.08 -33.25 -15.47
N TYR A 385 -25.17 -32.54 -15.73
CA TYR A 385 -26.45 -32.79 -15.08
C TYR A 385 -27.50 -33.21 -16.10
N ASN A 386 -27.09 -33.99 -17.09
CA ASN A 386 -27.99 -34.45 -18.14
C ASN A 386 -28.79 -35.68 -17.73
N LEU A 387 -28.57 -36.20 -16.52
CA LEU A 387 -29.36 -37.33 -16.05
C LEU A 387 -30.82 -36.94 -15.95
N THR A 388 -31.69 -37.82 -16.44
CA THR A 388 -33.06 -37.47 -16.79
C THR A 388 -33.95 -37.40 -15.55
N THR A 389 -35.25 -37.17 -15.78
CA THR A 389 -36.34 -37.16 -14.81
C THR A 389 -36.30 -35.90 -13.94
N THR A 390 -35.21 -35.13 -14.05
CA THR A 390 -35.09 -33.79 -13.48
C THR A 390 -35.67 -33.70 -12.07
N GLU A 391 -35.17 -34.54 -11.17
CA GLU A 391 -35.59 -34.54 -9.78
C GLU A 391 -34.38 -34.65 -8.88
N VAL A 392 -34.46 -34.00 -7.71
CA VAL A 392 -33.36 -34.00 -6.77
C VAL A 392 -33.38 -35.31 -5.98
N VAL A 393 -32.27 -36.05 -6.03
CA VAL A 393 -32.16 -37.31 -5.31
C VAL A 393 -30.69 -37.65 -5.08
N MET A 394 -30.37 -38.10 -3.88
CA MET A 394 -29.05 -38.61 -3.55
C MET A 394 -29.19 -39.91 -2.75
N GLU A 395 -28.07 -40.57 -2.52
CA GLU A 395 -28.07 -41.83 -1.79
C GLU A 395 -26.66 -42.16 -1.29
N ASN A 396 -26.53 -42.40 0.01
CA ASN A 396 -25.26 -42.79 0.63
C ASN A 396 -24.17 -41.77 0.32
N VAL A 397 -24.39 -40.53 0.79
CA VAL A 397 -23.51 -39.42 0.50
C VAL A 397 -22.48 -39.30 1.63
N THR A 398 -21.21 -39.40 1.27
CA THR A 398 -20.09 -39.21 2.19
C THR A 398 -19.29 -38.00 1.73
N ALA A 399 -19.03 -37.07 2.66
CA ALA A 399 -18.37 -35.82 2.33
C ALA A 399 -17.16 -35.62 3.23
N PHE A 400 -16.02 -35.31 2.63
CA PHE A 400 -14.79 -35.01 3.36
C PHE A 400 -14.17 -33.75 2.80
N TRP A 401 -13.91 -32.77 3.67
CA TRP A 401 -13.35 -31.50 3.21
C TRP A 401 -11.88 -31.66 2.82
N GLU A 402 -11.10 -32.35 3.63
CA GLU A 402 -9.67 -32.52 3.37
C GLU A 402 -9.42 -33.72 2.48
N GLU A 403 -8.49 -33.57 1.54
CA GLU A 403 -8.23 -34.63 0.57
C GLU A 403 -7.63 -35.86 1.22
N GLY A 404 -6.77 -35.65 2.24
CA GLY A 404 -6.14 -36.78 2.90
C GLY A 404 -7.14 -37.74 3.51
N PHE A 405 -8.15 -37.21 4.21
CA PHE A 405 -9.21 -38.07 4.73
C PHE A 405 -10.21 -38.45 3.65
N GLY A 406 -10.36 -37.64 2.61
CA GLY A 406 -11.29 -37.97 1.55
C GLY A 406 -10.87 -39.21 0.77
N GLU A 407 -9.56 -39.39 0.59
CA GLU A 407 -9.05 -40.53 -0.15
C GLU A 407 -8.76 -41.74 0.73
N LEU A 408 -9.08 -41.67 2.01
CA LEU A 408 -8.85 -42.79 2.93
C LEU A 408 -10.11 -43.28 3.61
N PHE A 409 -11.04 -42.39 3.95
CA PHE A 409 -12.26 -42.75 4.68
C PHE A 409 -11.95 -43.48 5.98
N LEU A 435 -13.37 -44.61 9.67
CA LEU A 435 -13.69 -43.22 10.01
C LEU A 435 -12.44 -42.49 10.51
N LEU A 436 -11.42 -42.42 9.65
CA LEU A 436 -10.18 -41.76 10.03
C LEU A 436 -10.39 -40.28 10.31
N GLY A 437 -11.19 -39.61 9.47
CA GLY A 437 -11.45 -38.19 9.62
C GLY A 437 -12.92 -37.91 9.87
N THR A 438 -13.18 -36.68 10.33
CA THR A 438 -14.54 -36.26 10.60
C THR A 438 -15.24 -35.86 9.32
N PRO A 439 -16.39 -36.44 9.01
CA PRO A 439 -17.16 -36.02 7.83
C PRO A 439 -18.10 -34.88 8.19
N VAL A 440 -18.88 -34.44 7.19
CA VAL A 440 -19.89 -33.42 7.40
C VAL A 440 -21.27 -33.85 6.94
N LEU A 441 -21.42 -34.88 6.11
CA LEU A 441 -22.72 -35.43 5.74
C LEU A 441 -22.58 -36.93 5.57
N LYS A 442 -23.45 -37.69 6.22
CA LYS A 442 -23.36 -39.15 6.22
C LYS A 442 -24.74 -39.75 5.98
N ASP A 443 -24.85 -40.58 4.94
CA ASP A 443 -26.01 -41.42 4.70
C ASP A 443 -27.31 -40.60 4.67
N ILE A 444 -27.38 -39.71 3.69
CA ILE A 444 -28.56 -38.86 3.48
C ILE A 444 -29.24 -39.30 2.18
N ASN A 445 -30.54 -39.56 2.27
CA ASN A 445 -31.32 -40.03 1.12
C ASN A 445 -32.65 -39.30 1.10
N PHE A 446 -33.06 -38.90 -0.11
CA PHE A 446 -34.36 -38.26 -0.34
C PHE A 446 -34.56 -38.15 -1.85
N LYS A 447 -35.82 -37.98 -2.24
CA LYS A 447 -36.17 -37.81 -3.65
C LYS A 447 -37.44 -36.99 -3.73
N ILE A 448 -37.40 -35.89 -4.48
CA ILE A 448 -38.51 -34.95 -4.56
C ILE A 448 -38.87 -34.73 -6.02
N GLU A 449 -40.17 -34.78 -6.32
CA GLU A 449 -40.64 -34.48 -7.66
C GLU A 449 -40.57 -32.97 -7.92
N ARG A 450 -40.65 -32.61 -9.19
CA ARG A 450 -40.62 -31.21 -9.56
C ARG A 450 -41.83 -30.48 -8.98
N GLY A 451 -41.57 -29.30 -8.41
CA GLY A 451 -42.60 -28.48 -7.81
C GLY A 451 -42.68 -28.55 -6.30
N GLN A 452 -42.09 -29.56 -5.69
CA GLN A 452 -42.08 -29.70 -4.24
C GLN A 452 -40.89 -28.95 -3.65
N LEU A 453 -41.14 -28.21 -2.58
CA LEU A 453 -40.11 -27.43 -1.92
C LEU A 453 -39.77 -28.05 -0.58
N LEU A 454 -38.49 -27.96 -0.22
CA LEU A 454 -37.98 -28.56 1.01
C LEU A 454 -37.53 -27.48 1.98
N ALA A 455 -37.18 -27.92 3.19
CA ALA A 455 -36.63 -27.05 4.21
C ALA A 455 -35.62 -27.83 5.03
N VAL A 456 -34.50 -27.18 5.35
CA VAL A 456 -33.44 -27.77 6.15
C VAL A 456 -33.22 -26.90 7.37
N ALA A 457 -33.15 -27.53 8.55
CA ALA A 457 -32.95 -26.82 9.80
C ALA A 457 -31.82 -27.47 10.58
N GLY A 458 -31.02 -26.65 11.24
CA GLY A 458 -29.91 -27.16 12.03
C GLY A 458 -29.23 -26.02 12.76
N SER A 459 -28.34 -26.40 13.67
CA SER A 459 -27.58 -25.44 14.45
C SER A 459 -26.53 -24.77 13.57
N THR A 460 -25.81 -23.82 14.16
CA THR A 460 -24.73 -23.16 13.45
C THR A 460 -23.62 -24.15 13.14
N GLY A 461 -23.21 -24.21 11.88
CA GLY A 461 -22.21 -25.18 11.46
C GLY A 461 -22.69 -26.60 11.36
N ALA A 462 -24.01 -26.82 11.38
CA ALA A 462 -24.54 -28.18 11.28
C ALA A 462 -24.18 -28.81 9.94
N GLY A 463 -24.25 -28.04 8.86
CA GLY A 463 -23.92 -28.56 7.55
C GLY A 463 -24.96 -28.31 6.48
N LYS A 464 -25.87 -27.36 6.72
CA LYS A 464 -26.81 -26.98 5.68
C LYS A 464 -26.10 -26.36 4.49
N THR A 465 -25.11 -25.49 4.74
CA THR A 465 -24.33 -24.93 3.66
C THR A 465 -23.52 -26.00 2.93
N SER A 466 -23.00 -26.97 3.69
CA SER A 466 -22.28 -28.08 3.07
C SER A 466 -23.20 -28.91 2.17
N LEU A 467 -24.44 -29.13 2.62
CA LEU A 467 -25.41 -29.84 1.79
C LEU A 467 -25.71 -29.05 0.52
N LEU A 468 -25.84 -27.73 0.64
CA LEU A 468 -26.04 -26.90 -0.54
C LEU A 468 -24.86 -27.03 -1.50
N MET A 469 -23.64 -27.01 -0.95
CA MET A 469 -22.45 -27.10 -1.79
C MET A 469 -22.37 -28.45 -2.50
N VAL A 470 -22.68 -29.54 -1.79
CA VAL A 470 -22.60 -30.85 -2.42
C VAL A 470 -23.71 -31.02 -3.45
N ILE A 471 -24.87 -30.39 -3.24
CA ILE A 471 -25.90 -30.37 -4.27
C ILE A 471 -25.39 -29.64 -5.50
N MET A 472 -24.71 -28.51 -5.30
CA MET A 472 -24.18 -27.74 -6.42
C MET A 472 -23.11 -28.51 -7.19
N GLY A 473 -22.23 -29.19 -6.47
CA GLY A 473 -21.07 -29.82 -7.06
C GLY A 473 -19.75 -29.21 -6.64
N GLU A 474 -19.77 -28.16 -5.82
CA GLU A 474 -18.52 -27.58 -5.33
C GLU A 474 -17.74 -28.58 -4.48
N LEU A 475 -18.45 -29.30 -3.61
CA LEU A 475 -17.86 -30.36 -2.81
C LEU A 475 -18.04 -31.69 -3.52
N GLU A 476 -16.97 -32.44 -3.67
CA GLU A 476 -17.04 -33.73 -4.35
C GLU A 476 -17.44 -34.81 -3.35
N PRO A 477 -18.47 -35.61 -3.64
CA PRO A 477 -18.84 -36.71 -2.73
C PRO A 477 -17.94 -37.92 -2.96
N SER A 478 -17.27 -38.36 -1.90
CA SER A 478 -16.43 -39.56 -2.02
C SER A 478 -17.27 -40.79 -2.37
N GLU A 479 -18.43 -40.92 -1.74
CA GLU A 479 -19.36 -42.00 -2.02
C GLU A 479 -20.75 -41.41 -2.23
N GLY A 480 -21.45 -41.92 -3.25
CA GLY A 480 -22.80 -41.45 -3.53
C GLY A 480 -22.96 -40.85 -4.91
N LYS A 481 -23.90 -41.37 -5.69
CA LYS A 481 -24.17 -40.89 -7.03
C LYS A 481 -25.42 -40.02 -7.04
N ILE A 482 -25.33 -38.86 -7.68
CA ILE A 482 -26.39 -37.87 -7.70
C ILE A 482 -26.92 -37.73 -9.12
N LYS A 483 -28.24 -37.66 -9.26
CA LYS A 483 -28.89 -37.42 -10.55
C LYS A 483 -30.00 -36.40 -10.33
N HIS A 484 -29.79 -35.18 -10.84
CA HIS A 484 -30.81 -34.13 -10.76
C HIS A 484 -30.56 -33.14 -11.88
N SER A 485 -31.39 -32.10 -11.92
CA SER A 485 -31.34 -31.12 -13.00
C SER A 485 -30.09 -30.25 -12.87
N GLY A 486 -29.88 -29.41 -13.88
CA GLY A 486 -28.68 -28.58 -13.93
C GLY A 486 -28.91 -27.12 -13.58
N ARG A 487 -30.03 -26.55 -14.02
CA ARG A 487 -30.31 -25.15 -13.78
C ARG A 487 -30.51 -24.91 -12.29
N ILE A 488 -29.58 -24.17 -11.67
CA ILE A 488 -29.62 -23.92 -10.23
C ILE A 488 -29.48 -22.43 -9.99
N SER A 489 -29.99 -22.00 -8.83
CA SER A 489 -29.90 -20.61 -8.40
C SER A 489 -29.40 -20.57 -6.97
N PHE A 490 -28.68 -19.51 -6.63
CA PHE A 490 -28.02 -19.39 -5.34
C PHE A 490 -28.29 -18.02 -4.72
N CYS A 491 -28.62 -18.02 -3.43
CA CYS A 491 -28.64 -16.83 -2.61
C CYS A 491 -27.83 -17.15 -1.35
N SER A 492 -26.56 -16.76 -1.35
CA SER A 492 -25.65 -17.16 -0.30
C SER A 492 -25.99 -16.50 1.04
N GLN A 493 -25.41 -17.05 2.09
CA GLN A 493 -25.57 -16.50 3.42
C GLN A 493 -24.91 -15.13 3.37
N PHE A 494 -23.67 -15.09 2.87
CA PHE A 494 -22.96 -13.83 2.73
C PHE A 494 -23.55 -13.02 1.60
N SER A 495 -23.83 -11.74 1.86
CA SER A 495 -24.38 -10.86 0.85
C SER A 495 -23.27 -10.38 -0.08
N TRP A 496 -23.49 -10.53 -1.39
CA TRP A 496 -22.51 -10.14 -2.40
C TRP A 496 -23.20 -9.34 -3.49
N ILE A 497 -22.64 -8.18 -3.81
CA ILE A 497 -23.16 -7.31 -4.87
C ILE A 497 -22.00 -6.89 -5.76
N MET A 498 -22.15 -7.11 -7.06
CA MET A 498 -21.10 -6.69 -8.00
C MET A 498 -21.22 -5.20 -8.30
N PRO A 499 -20.11 -4.54 -8.66
CA PRO A 499 -20.16 -3.10 -8.92
C PRO A 499 -20.87 -2.76 -10.23
N GLY A 500 -22.19 -2.84 -10.22
CA GLY A 500 -22.98 -2.47 -11.38
C GLY A 500 -24.15 -1.58 -11.00
N THR A 501 -25.36 -1.99 -11.40
CA THR A 501 -26.58 -1.30 -11.03
C THR A 501 -27.59 -2.32 -10.50
N ILE A 502 -28.77 -1.85 -10.13
CA ILE A 502 -29.80 -2.75 -9.62
C ILE A 502 -30.27 -3.70 -10.71
N LYS A 503 -30.58 -3.15 -11.89
CA LYS A 503 -31.09 -3.98 -12.98
C LYS A 503 -30.07 -5.03 -13.42
N GLU A 504 -28.81 -4.62 -13.55
CA GLU A 504 -27.76 -5.57 -13.93
C GLU A 504 -27.51 -6.57 -12.82
N ASN A 505 -27.51 -6.12 -11.57
CA ASN A 505 -27.32 -7.02 -10.44
C ASN A 505 -28.41 -8.08 -10.38
N ILE A 506 -29.61 -7.75 -10.84
CA ILE A 506 -30.71 -8.71 -10.80
C ILE A 506 -30.72 -9.62 -12.03
N ILE A 507 -30.48 -9.07 -13.22
CA ILE A 507 -30.69 -9.87 -14.44
C ILE A 507 -29.42 -10.58 -14.91
N PHE A 508 -28.23 -10.08 -14.56
CA PHE A 508 -26.96 -10.66 -14.98
C PHE A 508 -26.86 -10.78 -16.50
N GLY A 509 -27.25 -9.73 -17.21
CA GLY A 509 -27.01 -9.63 -18.63
C GLY A 509 -27.98 -10.36 -19.53
N VAL A 510 -28.97 -11.05 -18.96
CA VAL A 510 -29.98 -11.74 -19.78
C VAL A 510 -30.90 -10.69 -20.38
N SER A 511 -31.73 -11.11 -21.34
CA SER A 511 -32.68 -10.18 -21.95
C SER A 511 -33.61 -9.61 -20.89
N TYR A 512 -33.78 -8.29 -20.92
CA TYR A 512 -34.55 -7.59 -19.89
C TYR A 512 -36.02 -7.91 -20.06
N ASP A 513 -36.55 -8.79 -19.20
CA ASP A 513 -37.97 -9.13 -19.19
C ASP A 513 -38.67 -8.17 -18.23
N GLU A 514 -39.40 -7.20 -18.80
CA GLU A 514 -40.04 -6.19 -17.97
C GLU A 514 -41.09 -6.81 -17.06
N TYR A 515 -41.89 -7.75 -17.58
CA TYR A 515 -42.91 -8.40 -16.77
C TYR A 515 -42.30 -9.17 -15.61
N ARG A 516 -41.25 -9.95 -15.89
CA ARG A 516 -40.59 -10.71 -14.83
C ARG A 516 -39.97 -9.79 -13.80
N TYR A 517 -39.32 -8.70 -14.25
CA TYR A 517 -38.70 -7.77 -13.32
C TYR A 517 -39.74 -7.10 -12.43
N ARG A 518 -40.85 -6.65 -13.02
CA ARG A 518 -41.90 -6.02 -12.23
C ARG A 518 -42.50 -7.00 -11.23
N SER A 519 -42.74 -8.24 -11.66
CA SER A 519 -43.28 -9.24 -10.75
C SER A 519 -42.34 -9.51 -9.60
N VAL A 520 -41.03 -9.64 -9.88
CA VAL A 520 -40.10 -9.97 -8.81
C VAL A 520 -39.94 -8.81 -7.84
N ILE A 521 -39.91 -7.57 -8.34
CA ILE A 521 -39.75 -6.45 -7.39
C ILE A 521 -41.01 -6.30 -6.54
N LYS A 522 -42.19 -6.49 -7.15
CA LYS A 522 -43.42 -6.42 -6.39
C LYS A 522 -43.51 -7.53 -5.35
N ALA A 523 -43.07 -8.73 -5.72
CA ALA A 523 -43.11 -9.86 -4.79
C ALA A 523 -42.11 -9.70 -3.65
N CYS A 524 -40.92 -9.16 -3.94
CA CYS A 524 -39.91 -8.97 -2.90
C CYS A 524 -40.10 -7.69 -2.11
N GLN A 525 -41.02 -6.83 -2.53
CA GLN A 525 -41.33 -5.59 -1.81
C GLN A 525 -40.08 -4.71 -1.64
N LEU A 526 -39.20 -4.73 -2.64
CA LEU A 526 -38.07 -3.82 -2.68
C LEU A 526 -38.39 -2.56 -3.49
N GLU A 527 -39.60 -2.47 -4.04
CA GLU A 527 -40.00 -1.26 -4.77
C GLU A 527 -40.04 -0.05 -3.84
N GLU A 528 -40.55 -0.24 -2.61
CA GLU A 528 -40.59 0.85 -1.65
C GLU A 528 -39.20 1.36 -1.29
N ASP A 529 -38.18 0.51 -1.43
CA ASP A 529 -36.80 0.92 -1.18
C ASP A 529 -36.15 1.55 -2.41
N ILE A 530 -36.42 1.00 -3.60
CA ILE A 530 -35.79 1.51 -4.81
C ILE A 530 -36.37 2.86 -5.20
N SER A 531 -37.65 3.08 -4.94
CA SER A 531 -38.30 4.32 -5.36
C SER A 531 -37.96 5.51 -4.47
N LYS A 532 -37.33 5.28 -3.32
CA LYS A 532 -36.99 6.39 -2.43
C LYS A 532 -35.84 7.22 -3.00
N PHE A 533 -34.93 6.59 -3.74
CA PHE A 533 -33.81 7.31 -4.31
C PHE A 533 -34.26 8.19 -5.48
N ALA A 534 -33.45 9.22 -5.76
CA ALA A 534 -33.72 10.06 -6.92
C ALA A 534 -33.61 9.27 -8.22
N GLU A 535 -32.59 8.41 -8.33
CA GLU A 535 -32.50 7.47 -9.44
C GLU A 535 -33.46 6.32 -9.20
N LYS A 536 -34.13 5.89 -10.27
CA LYS A 536 -35.21 4.92 -10.15
C LYS A 536 -34.90 3.57 -10.78
N ASP A 537 -34.33 3.55 -12.00
CA ASP A 537 -34.17 2.31 -12.73
C ASP A 537 -32.72 1.88 -12.93
N ASN A 538 -31.75 2.78 -12.78
CA ASN A 538 -30.34 2.47 -13.01
C ASN A 538 -29.48 3.02 -11.90
N ILE A 539 -29.86 2.75 -10.64
CA ILE A 539 -29.06 3.17 -9.50
C ILE A 539 -27.73 2.43 -9.52
N VAL A 540 -26.64 3.18 -9.59
CA VAL A 540 -25.30 2.61 -9.70
C VAL A 540 -24.72 2.45 -8.30
N LEU A 541 -24.20 1.26 -8.01
CA LEU A 541 -23.61 0.95 -6.73
C LEU A 541 -22.10 0.85 -6.83
N GLY A 542 -21.45 0.80 -5.67
CA GLY A 542 -20.01 0.63 -5.62
C GLY A 542 -19.62 -0.82 -5.47
N GLU A 543 -18.55 -1.08 -4.70
CA GLU A 543 -18.07 -2.44 -4.48
C GLU A 543 -18.66 -2.97 -3.17
N GLY A 544 -19.22 -4.18 -3.23
CA GLY A 544 -19.76 -4.81 -2.04
C GLY A 544 -21.09 -4.26 -1.57
N GLY A 545 -21.73 -3.40 -2.35
CA GLY A 545 -22.99 -2.80 -1.92
C GLY A 545 -22.85 -1.91 -0.71
N ILE A 546 -21.81 -1.07 -0.68
CA ILE A 546 -21.58 -0.23 0.49
C ILE A 546 -22.67 0.82 0.65
N THR A 547 -23.29 1.25 -0.45
CA THR A 547 -24.29 2.30 -0.37
C THR A 547 -25.51 1.87 0.42
N LEU A 548 -25.96 0.63 0.23
CA LEU A 548 -27.15 0.13 0.89
C LEU A 548 -26.77 -0.56 2.21
N SER A 549 -27.74 -1.24 2.82
CA SER A 549 -27.54 -1.92 4.09
C SER A 549 -27.77 -3.42 3.92
N GLY A 550 -27.74 -4.14 5.04
CA GLY A 550 -27.83 -5.59 4.98
C GLY A 550 -29.17 -6.08 4.47
N GLY A 551 -30.26 -5.46 4.92
CA GLY A 551 -31.57 -5.87 4.46
C GLY A 551 -31.76 -5.63 2.97
N GLN A 552 -31.32 -4.47 2.48
CA GLN A 552 -31.41 -4.19 1.05
C GLN A 552 -30.56 -5.16 0.24
N ARG A 553 -29.35 -5.46 0.72
CA ARG A 553 -28.50 -6.41 0.02
C ARG A 553 -29.13 -7.79 -0.02
N ALA A 554 -29.72 -8.23 1.09
CA ALA A 554 -30.37 -9.53 1.12
C ALA A 554 -31.57 -9.58 0.19
N ARG A 555 -32.39 -8.52 0.18
CA ARG A 555 -33.55 -8.53 -0.71
C ARG A 555 -33.13 -8.47 -2.17
N ILE A 556 -32.04 -7.79 -2.49
CA ILE A 556 -31.51 -7.81 -3.84
C ILE A 556 -31.04 -9.21 -4.21
N SER A 557 -30.40 -9.90 -3.26
CA SER A 557 -29.97 -11.27 -3.51
C SER A 557 -31.14 -12.19 -3.78
N LEU A 558 -32.21 -12.07 -2.99
CA LEU A 558 -33.42 -12.85 -3.25
C LEU A 558 -34.02 -12.50 -4.60
N ALA A 559 -34.04 -11.21 -4.97
CA ALA A 559 -34.55 -10.82 -6.27
C ALA A 559 -33.74 -11.45 -7.40
N ARG A 560 -32.41 -11.48 -7.25
CA ARG A 560 -31.56 -12.11 -8.25
C ARG A 560 -31.85 -13.60 -8.33
N ALA A 561 -32.01 -14.26 -7.19
CA ALA A 561 -32.28 -15.69 -7.17
C ALA A 561 -33.61 -16.00 -7.86
N VAL A 562 -34.63 -15.17 -7.61
CA VAL A 562 -35.92 -15.36 -8.24
C VAL A 562 -35.83 -15.11 -9.75
N TYR A 563 -35.13 -14.05 -10.15
CA TYR A 563 -35.05 -13.69 -11.56
C TYR A 563 -34.30 -14.75 -12.36
N LYS A 564 -33.26 -15.34 -11.77
CA LYS A 564 -32.50 -16.37 -12.47
C LYS A 564 -33.41 -17.53 -12.85
N ASP A 565 -33.60 -17.74 -14.14
CA ASP A 565 -34.47 -18.80 -14.63
C ASP A 565 -33.83 -20.15 -14.39
N ALA A 566 -34.41 -20.94 -13.49
CA ALA A 566 -33.88 -22.25 -13.16
C ALA A 566 -35.00 -23.11 -12.59
N ASP A 567 -34.79 -24.42 -12.62
CA ASP A 567 -35.76 -25.38 -12.10
C ASP A 567 -35.38 -25.92 -10.74
N LEU A 568 -34.38 -25.33 -10.08
CA LEU A 568 -33.98 -25.74 -8.74
C LEU A 568 -33.34 -24.53 -8.06
N TYR A 569 -34.06 -23.95 -7.11
CA TYR A 569 -33.60 -22.74 -6.42
C TYR A 569 -33.03 -23.12 -5.06
N LEU A 570 -31.79 -22.71 -4.80
CA LEU A 570 -31.10 -22.99 -3.56
C LEU A 570 -30.94 -21.69 -2.77
N LEU A 571 -31.31 -21.74 -1.50
CA LEU A 571 -31.25 -20.57 -0.63
C LEU A 571 -30.48 -20.90 0.64
N ASP A 572 -29.74 -19.91 1.15
CA ASP A 572 -28.94 -20.07 2.35
C ASP A 572 -29.18 -18.85 3.24
N SER A 573 -30.03 -19.02 4.25
CA SER A 573 -30.41 -17.95 5.17
C SER A 573 -30.85 -16.70 4.41
N PRO A 574 -31.96 -16.77 3.67
CA PRO A 574 -32.37 -15.63 2.83
C PRO A 574 -32.69 -14.37 3.62
N PHE A 575 -33.10 -14.48 4.88
CA PHE A 575 -33.55 -13.35 5.66
C PHE A 575 -32.76 -13.24 6.96
N GLY A 576 -31.45 -13.37 6.86
CA GLY A 576 -30.60 -13.22 8.03
C GLY A 576 -30.59 -11.81 8.57
N TYR A 577 -30.63 -10.81 7.69
CA TYR A 577 -30.59 -9.41 8.06
C TYR A 577 -31.96 -8.74 8.00
N LEU A 578 -33.02 -9.51 7.85
CA LEU A 578 -34.38 -8.98 7.75
C LEU A 578 -35.05 -8.98 9.11
N ASP A 579 -36.00 -8.06 9.29
CA ASP A 579 -36.78 -8.00 10.51
C ASP A 579 -37.83 -9.10 10.52
N VAL A 580 -38.43 -9.31 11.70
CA VAL A 580 -39.39 -10.40 11.87
C VAL A 580 -40.60 -10.22 10.98
N LEU A 581 -41.16 -9.00 10.95
CA LEU A 581 -42.37 -8.76 10.18
C LEU A 581 -42.13 -8.91 8.68
N THR A 582 -41.06 -8.29 8.17
CA THR A 582 -40.75 -8.41 6.76
C THR A 582 -40.43 -9.85 6.38
N GLU A 583 -39.72 -10.57 7.26
CA GLU A 583 -39.40 -11.97 7.00
C GLU A 583 -40.65 -12.83 6.95
N LYS A 584 -41.60 -12.56 7.84
CA LYS A 584 -42.87 -13.29 7.81
C LYS A 584 -43.66 -12.97 6.54
N GLU A 585 -43.64 -11.71 6.10
CA GLU A 585 -44.45 -11.31 4.97
C GLU A 585 -43.87 -11.81 3.64
N ILE A 586 -42.54 -11.80 3.52
CA ILE A 586 -41.90 -12.10 2.24
C ILE A 586 -42.18 -13.53 1.80
N PHE A 587 -42.24 -14.46 2.76
CA PHE A 587 -42.49 -15.85 2.43
C PHE A 587 -43.80 -16.00 1.68
N GLU A 588 -44.91 -15.67 2.34
CA GLU A 588 -46.23 -15.75 1.73
C GLU A 588 -46.43 -14.74 0.62
N SER A 589 -45.52 -13.76 0.46
CA SER A 589 -45.64 -12.84 -0.65
C SER A 589 -45.07 -13.42 -1.94
N CYS A 590 -43.90 -14.04 -1.86
CA CYS A 590 -43.19 -14.45 -3.06
C CYS A 590 -42.95 -15.95 -3.16
N VAL A 591 -42.48 -16.58 -2.09
CA VAL A 591 -41.89 -17.93 -2.21
C VAL A 591 -42.93 -18.93 -2.69
N CYS A 592 -44.11 -18.93 -2.06
CA CYS A 592 -45.19 -19.84 -2.43
C CYS A 592 -46.24 -19.18 -3.31
N LYS A 593 -45.86 -18.12 -4.02
CA LYS A 593 -46.77 -17.43 -4.92
C LYS A 593 -46.23 -17.32 -6.34
N LEU A 594 -44.92 -17.16 -6.51
CA LEU A 594 -44.35 -17.04 -7.85
C LEU A 594 -43.85 -18.39 -8.36
N MET A 595 -42.99 -19.05 -7.60
CA MET A 595 -42.41 -20.33 -7.98
C MET A 595 -43.01 -21.49 -7.20
N ALA A 596 -44.26 -21.37 -6.76
CA ALA A 596 -44.89 -22.42 -5.96
C ALA A 596 -44.96 -23.75 -6.72
N ASN A 597 -44.93 -23.71 -8.05
CA ASN A 597 -44.92 -24.92 -8.86
C ASN A 597 -43.52 -25.39 -9.24
N LYS A 598 -42.48 -24.71 -8.75
CA LYS A 598 -41.09 -25.07 -9.04
C LYS A 598 -40.39 -25.50 -7.77
N THR A 599 -39.59 -26.56 -7.88
CA THR A 599 -38.88 -27.12 -6.74
C THR A 599 -37.78 -26.18 -6.27
N ARG A 600 -37.65 -26.05 -4.95
CA ARG A 600 -36.60 -25.22 -4.36
C ARG A 600 -36.24 -25.78 -3.00
N ILE A 601 -35.05 -25.40 -2.52
CA ILE A 601 -34.55 -25.80 -1.22
C ILE A 601 -34.35 -24.54 -0.38
N LEU A 602 -34.90 -24.54 0.84
CA LEU A 602 -34.86 -23.38 1.71
C LEU A 602 -34.10 -23.69 2.99
N VAL A 603 -33.45 -22.67 3.54
CA VAL A 603 -32.79 -22.75 4.83
C VAL A 603 -33.63 -21.96 5.82
N THR A 604 -34.21 -22.63 6.81
CA THR A 604 -35.08 -21.98 7.77
C THR A 604 -35.11 -22.81 9.05
N SER A 605 -35.53 -22.18 10.13
CA SER A 605 -35.68 -22.83 11.43
C SER A 605 -36.97 -22.38 12.09
N LYS A 606 -38.04 -22.26 11.32
CA LYS A 606 -39.30 -21.72 11.81
C LYS A 606 -40.44 -22.69 11.51
N MET A 607 -41.37 -22.81 12.47
CA MET A 607 -42.41 -23.82 12.38
C MET A 607 -43.35 -23.57 11.22
N GLU A 608 -43.69 -22.31 10.94
CA GLU A 608 -44.60 -22.02 9.84
C GLU A 608 -43.98 -22.39 8.49
N HIS A 609 -42.70 -22.03 8.30
CA HIS A 609 -42.02 -22.39 7.06
C HIS A 609 -41.90 -23.90 6.92
N LEU A 610 -41.58 -24.60 8.01
CA LEU A 610 -41.50 -26.06 7.97
C LEU A 610 -42.86 -26.67 7.64
N LYS A 611 -43.93 -26.14 8.23
CA LYS A 611 -45.28 -26.64 7.96
C LYS A 611 -45.64 -26.46 6.50
N LYS A 612 -45.31 -25.30 5.92
CA LYS A 612 -45.58 -25.11 4.50
C LYS A 612 -44.70 -26.00 3.64
N ALA A 613 -43.51 -26.35 4.13
CA ALA A 613 -42.60 -27.21 3.37
C ALA A 613 -43.17 -28.62 3.22
N ASP A 614 -42.80 -29.28 2.14
CA ASP A 614 -43.33 -30.61 1.86
C ASP A 614 -42.58 -31.69 2.64
N LYS A 615 -41.28 -31.83 2.38
CA LYS A 615 -40.44 -32.78 3.10
C LYS A 615 -39.38 -32.01 3.89
N ILE A 616 -38.94 -32.61 4.99
CA ILE A 616 -38.17 -31.89 6.00
C ILE A 616 -36.90 -32.67 6.32
N LEU A 617 -35.79 -31.94 6.44
CA LEU A 617 -34.50 -32.51 6.81
C LEU A 617 -33.91 -31.70 7.95
N ILE A 618 -33.34 -32.38 8.94
CA ILE A 618 -32.68 -31.74 10.07
C ILE A 618 -31.29 -32.32 10.22
N LEU A 619 -30.29 -31.44 10.36
CA LEU A 619 -28.90 -31.83 10.47
C LEU A 619 -28.41 -31.57 11.89
N HIS A 620 -27.76 -32.57 12.47
CA HIS A 620 -27.17 -32.43 13.81
C HIS A 620 -25.74 -32.94 13.78
N GLU A 621 -24.80 -32.10 14.24
CA GLU A 621 -23.39 -32.47 14.38
C GLU A 621 -22.83 -33.06 13.09
N GLY A 622 -23.27 -32.54 11.95
CA GLY A 622 -22.86 -33.09 10.67
C GLY A 622 -23.56 -34.36 10.27
N SER A 623 -24.66 -34.71 10.92
CA SER A 623 -25.43 -35.90 10.58
C SER A 623 -26.91 -35.54 10.52
N SER A 624 -27.64 -36.22 9.62
CA SER A 624 -29.06 -35.98 9.48
C SER A 624 -29.81 -36.49 10.70
N TYR A 625 -30.84 -35.75 11.11
CA TYR A 625 -31.61 -36.06 12.30
C TYR A 625 -33.00 -36.64 11.99
N PHE A 626 -33.69 -36.11 10.98
CA PHE A 626 -35.02 -36.58 10.65
C PHE A 626 -35.28 -36.38 9.17
N TYR A 627 -36.13 -37.25 8.61
CA TYR A 627 -36.60 -37.14 7.24
C TYR A 627 -38.05 -37.59 7.18
N GLY A 628 -38.92 -36.71 6.75
CA GLY A 628 -40.33 -37.01 6.65
C GLY A 628 -41.16 -35.74 6.75
N THR A 629 -42.37 -35.89 7.28
CA THR A 629 -43.31 -34.80 7.44
C THR A 629 -43.72 -34.68 8.91
N PHE A 630 -44.37 -33.57 9.24
CA PHE A 630 -44.92 -33.41 10.58
C PHE A 630 -45.99 -34.45 10.89
N SER A 631 -46.66 -34.98 9.87
CA SER A 631 -47.63 -36.05 10.11
C SER A 631 -46.98 -37.26 10.77
N GLU A 632 -45.66 -37.40 10.64
CA GLU A 632 -44.88 -38.36 11.40
C GLU A 632 -44.24 -37.75 12.64
N LEU A 633 -43.83 -36.48 12.54
CA LEU A 633 -43.10 -35.86 13.65
C LEU A 633 -44.00 -35.58 14.85
N GLN A 634 -45.19 -35.02 14.61
CA GLN A 634 -46.11 -34.76 15.72
C GLN A 634 -46.91 -35.98 16.11
N ASN A 635 -46.76 -37.09 15.39
CA ASN A 635 -47.47 -38.32 15.71
C ASN A 635 -46.52 -39.52 15.66
N UNK A 751 -6.10 -9.03 6.10
CA UNK A 751 -7.13 -8.98 7.13
C UNK A 751 -7.90 -7.66 7.09
N UNK A 752 -7.68 -6.89 6.03
CA UNK A 752 -8.34 -5.61 5.83
C UNK A 752 -9.10 -5.61 4.52
N UNK A 753 -10.30 -5.04 4.53
CA UNK A 753 -11.13 -4.95 3.32
C UNK A 753 -10.74 -3.74 2.47
N UNK A 754 -10.82 -2.54 3.05
CA UNK A 754 -10.37 -1.32 2.38
C UNK A 754 -8.87 -1.18 2.63
N UNK A 755 -8.10 -1.88 1.81
CA UNK A 755 -6.66 -1.99 2.02
C UNK A 755 -5.96 -0.68 1.67
N UNK A 756 -4.67 -0.62 2.03
CA UNK A 756 -3.86 0.54 1.69
C UNK A 756 -3.74 0.71 0.19
N UNK A 757 -3.79 -0.39 -0.57
CA UNK A 757 -3.78 -0.28 -2.02
C UNK A 757 -5.00 0.46 -2.54
N UNK A 758 -6.14 0.34 -1.86
CA UNK A 758 -7.32 1.09 -2.24
C UNK A 758 -7.33 2.50 -1.66
N UNK A 759 -6.70 2.69 -0.49
CA UNK A 759 -6.66 4.02 0.12
C UNK A 759 -5.58 4.91 -0.48
N UNK A 760 -4.64 4.35 -1.24
CA UNK A 760 -3.60 5.16 -1.84
C UNK A 760 -4.17 6.16 -2.85
N UNK A 761 -5.26 5.80 -3.51
CA UNK A 761 -5.87 6.71 -4.49
C UNK A 761 -6.32 8.01 -3.82
N UNK A 762 -6.95 7.90 -2.65
CA UNK A 762 -7.36 9.08 -1.91
C UNK A 762 -6.24 9.68 -1.07
N UNK A 763 -5.15 8.95 -0.84
CA UNK A 763 -4.04 9.49 -0.07
C UNK A 763 -3.12 10.36 -0.93
N UNK A 764 -2.68 9.83 -2.08
CA UNK A 764 -1.71 10.51 -2.91
C UNK A 764 -2.32 11.58 -3.80
N UNK A 765 -3.65 11.69 -3.84
CA UNK A 765 -4.29 12.68 -4.71
C UNK A 765 -4.11 14.11 -4.24
N UNK A 766 -3.64 14.31 -3.01
CA UNK A 766 -3.47 15.64 -2.44
C UNK A 766 -2.03 16.15 -2.51
N UNK A 767 -1.16 15.46 -3.26
CA UNK A 767 0.24 15.88 -3.35
C UNK A 767 0.35 17.26 -3.99
N UNK A 768 -0.25 17.43 -5.17
CA UNK A 768 -0.26 18.71 -5.89
C UNK A 768 1.15 19.25 -6.08
N UNK A 769 2.06 18.37 -6.46
CA UNK A 769 3.46 18.76 -6.67
C UNK A 769 3.59 19.62 -7.93
N THR A 844 8.08 19.51 -6.96
CA THR A 844 7.39 20.31 -5.94
C THR A 844 8.00 21.69 -5.82
N THR A 845 7.36 22.54 -5.02
CA THR A 845 7.81 23.91 -4.85
C THR A 845 9.10 23.97 -4.06
N TRP A 846 9.84 25.08 -4.23
CA TRP A 846 11.07 25.29 -3.47
C TRP A 846 10.81 25.67 -2.03
N ASN A 847 9.57 26.03 -1.67
CA ASN A 847 9.26 26.36 -0.29
C ASN A 847 9.47 25.15 0.62
N THR A 848 9.03 23.97 0.18
CA THR A 848 9.24 22.77 0.99
C THR A 848 10.71 22.38 1.03
N TYR A 849 11.46 22.63 -0.05
CA TYR A 849 12.90 22.39 -0.02
C TYR A 849 13.57 23.26 1.03
N LEU A 850 13.24 24.54 1.04
CA LEU A 850 13.82 25.45 2.02
C LEU A 850 13.42 25.07 3.43
N ARG A 851 12.16 24.71 3.63
CA ARG A 851 11.69 24.31 4.95
C ARG A 851 12.41 23.05 5.44
N TYR A 852 12.62 22.09 4.55
CA TYR A 852 13.31 20.86 4.92
C TYR A 852 14.79 21.10 5.16
N ILE A 853 15.39 22.09 4.49
CA ILE A 853 16.82 22.31 4.61
C ILE A 853 17.21 23.27 5.73
N THR A 854 16.28 24.11 6.20
CA THR A 854 16.59 25.07 7.25
C THR A 854 16.03 24.67 8.61
N VAL A 855 15.45 23.47 8.71
CA VAL A 855 14.78 23.07 9.96
C VAL A 855 15.81 22.89 11.08
N HIS A 856 16.98 22.34 10.77
CA HIS A 856 17.99 22.04 11.77
C HIS A 856 19.28 22.78 11.45
N LYS A 857 19.83 23.48 12.44
CA LYS A 857 21.01 24.31 12.21
C LYS A 857 22.23 23.47 11.83
N SER A 858 22.42 22.33 12.49
CA SER A 858 23.59 21.52 12.22
C SER A 858 23.58 20.98 10.79
N LEU A 859 22.40 20.75 10.23
CA LEU A 859 22.31 20.35 8.83
C LEU A 859 22.89 21.42 7.91
N ILE A 860 22.51 22.68 8.15
CA ILE A 860 23.04 23.78 7.35
C ILE A 860 24.54 23.89 7.53
N PHE A 861 25.02 23.77 8.77
CA PHE A 861 26.46 23.87 9.01
C PHE A 861 27.22 22.76 8.31
N VAL A 862 26.68 21.53 8.32
CA VAL A 862 27.35 20.40 7.68
C VAL A 862 27.36 20.57 6.17
N LEU A 863 26.26 21.06 5.60
CA LEU A 863 26.25 21.33 4.16
C LEU A 863 27.26 22.39 3.79
N ILE A 864 27.37 23.45 4.58
CA ILE A 864 28.35 24.50 4.32
C ILE A 864 29.76 23.94 4.39
N TRP A 865 30.04 23.11 5.40
CA TRP A 865 31.35 22.50 5.53
C TRP A 865 31.67 21.61 4.34
N CYS A 866 30.68 20.83 3.88
CA CYS A 866 30.88 19.96 2.73
C CYS A 866 31.20 20.78 1.48
N LEU A 867 30.46 21.87 1.26
CA LEU A 867 30.72 22.71 0.10
C LEU A 867 32.10 23.34 0.17
N VAL A 868 32.50 23.79 1.37
CA VAL A 868 33.82 24.39 1.54
C VAL A 868 34.91 23.36 1.27
N ILE A 869 34.73 22.13 1.76
CA ILE A 869 35.72 21.09 1.51
C ILE A 869 35.83 20.78 0.03
N PHE A 870 34.69 20.70 -0.67
CA PHE A 870 34.71 20.46 -2.10
C PHE A 870 35.45 21.56 -2.84
N LEU A 871 35.16 22.82 -2.50
CA LEU A 871 35.83 23.92 -3.17
C LEU A 871 37.33 23.92 -2.87
N ALA A 872 37.71 23.60 -1.63
CA ALA A 872 39.13 23.55 -1.29
C ALA A 872 39.85 22.46 -2.04
N GLU A 873 39.21 21.29 -2.20
CA GLU A 873 39.82 20.21 -2.97
C GLU A 873 39.97 20.61 -4.44
N VAL A 874 38.95 21.28 -4.99
CA VAL A 874 39.04 21.75 -6.37
C VAL A 874 40.19 22.74 -6.52
N ALA A 875 40.32 23.66 -5.57
CA ALA A 875 41.41 24.63 -5.63
C ALA A 875 42.77 23.96 -5.54
N ALA A 876 42.90 22.97 -4.65
CA ALA A 876 44.16 22.25 -4.52
C ALA A 876 44.52 21.54 -5.81
N SER A 877 43.55 20.86 -6.43
CA SER A 877 43.81 20.20 -7.70
C SER A 877 44.20 21.21 -8.78
N LEU A 878 43.52 22.36 -8.80
CA LEU A 878 43.84 23.38 -9.80
C LEU A 878 45.27 23.88 -9.63
N VAL A 879 45.69 24.13 -8.39
CA VAL A 879 47.05 24.59 -8.13
C VAL A 879 48.06 23.52 -8.50
N VAL A 880 47.74 22.26 -8.22
CA VAL A 880 48.65 21.18 -8.58
C VAL A 880 48.84 21.11 -10.09
N LEU A 881 47.74 21.20 -10.85
CA LEU A 881 47.86 21.16 -12.31
C LEU A 881 48.54 22.38 -12.88
N TRP A 882 48.36 23.55 -12.26
CA TRP A 882 49.13 24.72 -12.66
C TRP A 882 50.62 24.50 -12.40
N LEU A 883 50.95 23.86 -11.29
CA LEU A 883 52.34 23.53 -10.99
C LEU A 883 52.76 22.26 -11.72
N SER A 911 59.73 10.88 -10.49
CA SER A 911 59.57 9.81 -9.52
C SER A 911 58.12 9.37 -9.42
N SER A 912 57.46 9.77 -8.33
CA SER A 912 56.06 9.42 -8.09
C SER A 912 55.09 10.41 -8.72
N TYR A 913 55.59 11.42 -9.43
CA TYR A 913 54.70 12.37 -10.10
C TYR A 913 53.89 11.67 -11.19
N TYR A 914 54.52 10.77 -11.94
CA TYR A 914 53.82 10.08 -13.01
C TYR A 914 52.71 9.17 -12.51
N VAL A 915 52.78 8.72 -11.25
CA VAL A 915 51.70 7.95 -10.65
C VAL A 915 50.82 8.81 -9.75
N PHE A 916 50.96 10.14 -9.84
CA PHE A 916 50.12 11.07 -9.09
C PHE A 916 48.95 11.58 -9.90
N TYR A 917 49.02 11.51 -11.24
CA TYR A 917 47.94 12.00 -12.08
C TYR A 917 46.67 11.19 -11.94
N ILE A 918 46.75 10.00 -11.34
CA ILE A 918 45.58 9.14 -11.21
C ILE A 918 44.51 9.81 -10.36
N TYR A 919 44.91 10.43 -9.25
CA TYR A 919 43.95 11.01 -8.32
C TYR A 919 43.13 12.10 -9.00
N VAL A 920 43.78 12.99 -9.74
CA VAL A 920 43.06 14.05 -10.44
C VAL A 920 42.27 13.49 -11.61
N GLY A 921 42.86 12.52 -12.33
CA GLY A 921 42.23 12.01 -13.54
C GLY A 921 40.98 11.18 -13.30
N VAL A 922 40.68 10.83 -12.06
CA VAL A 922 39.46 10.11 -11.72
C VAL A 922 38.66 11.03 -10.80
N ALA A 923 37.65 11.69 -11.35
CA ALA A 923 36.79 12.53 -10.54
C ALA A 923 36.04 11.72 -9.49
N ASP A 924 35.82 10.43 -9.76
CA ASP A 924 35.10 9.58 -8.83
C ASP A 924 35.81 9.50 -7.49
N THR A 925 37.13 9.36 -7.50
CA THR A 925 37.89 9.38 -6.26
C THR A 925 38.37 10.77 -5.87
N LEU A 926 38.38 11.72 -6.82
CA LEU A 926 38.84 13.07 -6.51
C LEU A 926 37.81 13.85 -5.71
N LEU A 927 36.52 13.69 -6.02
CA LEU A 927 35.49 14.53 -5.42
C LEU A 927 34.49 13.75 -4.58
N ALA A 928 34.75 12.48 -4.31
CA ALA A 928 33.88 11.72 -3.42
C ALA A 928 34.09 12.15 -1.97
N MET A 929 33.00 12.20 -1.21
CA MET A 929 33.07 12.59 0.18
C MET A 929 33.55 11.42 1.04
N GLY A 930 34.53 11.70 1.90
CA GLY A 930 35.10 10.69 2.76
C GLY A 930 34.24 10.42 3.98
N PHE A 931 34.74 9.52 4.83
CA PHE A 931 34.03 9.15 6.05
C PHE A 931 34.07 10.24 7.11
N PHE A 932 34.88 11.29 6.92
CA PHE A 932 34.94 12.40 7.86
C PHE A 932 34.18 13.63 7.37
N ARG A 933 33.60 13.58 6.18
CA ARG A 933 32.89 14.73 5.62
C ARG A 933 31.49 14.39 5.12
N GLY A 934 31.07 13.12 5.18
CA GLY A 934 29.75 12.75 4.74
C GLY A 934 28.90 12.11 5.82
N LEU A 935 29.55 11.46 6.79
CA LEU A 935 28.81 10.89 7.92
C LEU A 935 28.02 11.93 8.70
N PRO A 936 28.55 13.12 9.02
CA PRO A 936 27.71 14.14 9.65
C PRO A 936 26.51 14.53 8.80
N LEU A 937 26.61 14.46 7.47
CA LEU A 937 25.46 14.74 6.63
C LEU A 937 24.33 13.74 6.88
N VAL A 938 24.68 12.45 6.93
CA VAL A 938 23.66 11.42 7.18
C VAL A 938 23.10 11.58 8.59
N HIS A 939 23.96 11.88 9.57
CA HIS A 939 23.48 12.08 10.93
C HIS A 939 22.51 13.25 11.01
N THR A 940 22.82 14.35 10.31
CA THR A 940 21.94 15.50 10.30
C THR A 940 20.61 15.19 9.60
N LEU A 941 20.66 14.41 8.53
CA LEU A 941 19.42 14.00 7.88
C LEU A 941 18.55 13.17 8.81
N ILE A 942 19.17 12.26 9.58
CA ILE A 942 18.40 11.44 10.52
C ILE A 942 17.80 12.33 11.62
N THR A 943 18.57 13.30 12.11
CA THR A 943 18.04 14.19 13.13
C THR A 943 16.89 15.03 12.58
N VAL A 944 17.00 15.47 11.32
CA VAL A 944 15.91 16.22 10.69
C VAL A 944 14.66 15.36 10.60
N SER A 945 14.83 14.08 10.23
CA SER A 945 13.69 13.17 10.16
C SER A 945 13.04 13.01 11.54
N LYS A 946 13.85 12.85 12.58
CA LYS A 946 13.30 12.71 13.93
C LYS A 946 12.55 13.96 14.36
N ILE A 947 13.12 15.14 14.08
CA ILE A 947 12.47 16.39 14.45
C ILE A 947 11.14 16.54 13.71
N LEU A 948 11.13 16.21 12.42
CA LEU A 948 9.91 16.31 11.64
C LEU A 948 8.84 15.36 12.16
N HIS A 949 9.23 14.12 12.51
CA HIS A 949 8.25 13.19 13.06
C HIS A 949 7.70 13.67 14.39
N HIS A 950 8.56 14.20 15.26
CA HIS A 950 8.10 14.70 16.55
C HIS A 950 7.13 15.86 16.37
N LYS A 951 7.47 16.80 15.48
CA LYS A 951 6.57 17.93 15.23
C LYS A 951 5.26 17.47 14.59
N MET A 952 5.31 16.48 13.71
CA MET A 952 4.10 15.96 13.10
C MET A 952 3.20 15.31 14.13
N LEU A 953 3.78 14.57 15.07
CA LEU A 953 2.99 14.00 16.16
C LEU A 953 2.37 15.10 17.01
N HIS A 954 3.17 16.12 17.35
CA HIS A 954 2.67 17.23 18.17
C HIS A 954 1.59 18.03 17.44
N SER A 955 1.58 18.00 16.12
CA SER A 955 0.56 18.72 15.35
C SER A 955 -0.71 17.90 15.16
N VAL A 956 -0.57 16.62 14.81
CA VAL A 956 -1.75 15.76 14.66
C VAL A 956 -2.46 15.61 16.00
N LEU A 957 -1.72 15.38 17.07
CA LEU A 957 -2.31 15.47 18.39
C LEU A 957 -2.48 16.94 18.77
N GLN A 958 -3.40 17.19 19.71
CA GLN A 958 -3.73 18.55 20.13
C GLN A 958 -4.12 19.41 18.94
N ALA A 959 -5.02 18.88 18.11
CA ALA A 959 -5.52 19.57 16.93
C ALA A 959 -7.04 19.65 16.98
N PRO A 960 -7.65 20.65 16.34
CA PRO A 960 -9.12 20.75 16.37
C PRO A 960 -9.77 19.50 15.80
N MET A 961 -10.77 18.99 16.53
CA MET A 961 -11.37 17.73 16.15
C MET A 961 -12.18 17.85 14.86
N SER A 962 -12.76 19.01 14.58
CA SER A 962 -13.46 19.19 13.32
C SER A 962 -12.52 18.98 12.14
N THR A 963 -11.36 19.65 12.15
CA THR A 963 -10.39 19.48 11.09
C THR A 963 -9.82 18.06 11.06
N LEU A 964 -9.60 17.47 12.24
CA LEU A 964 -9.06 16.12 12.30
C LEU A 964 -10.03 15.12 11.69
N ASN A 965 -11.33 15.25 12.00
CA ASN A 965 -12.34 14.36 11.46
C ASN A 965 -12.68 14.67 10.01
N THR A 966 -12.32 15.86 9.53
CA THR A 966 -12.44 16.14 8.10
C THR A 966 -11.65 15.13 7.28
N LEU A 967 -10.55 14.62 7.82
CA LEU A 967 -9.79 13.53 7.21
C LEU A 967 -10.13 12.22 7.90
N LYS A 968 -9.89 11.12 7.19
CA LYS A 968 -10.24 9.80 7.69
C LYS A 968 -9.12 9.21 8.52
N ALA A 969 -9.49 8.28 9.41
CA ALA A 969 -8.53 7.64 10.29
C ALA A 969 -7.50 6.83 9.51
N GLY A 970 -7.96 6.08 8.50
CA GLY A 970 -7.03 5.35 7.65
C GLY A 970 -6.07 6.26 6.94
N GLY A 971 -6.56 7.38 6.42
CA GLY A 971 -5.69 8.33 5.75
C GLY A 971 -4.65 8.93 6.68
N ILE A 972 -5.07 9.29 7.90
CA ILE A 972 -4.12 9.91 8.82
C ILE A 972 -3.11 8.89 9.34
N LEU A 973 -3.50 7.61 9.43
CA LEU A 973 -2.54 6.59 9.84
C LEU A 973 -1.59 6.22 8.71
N ASN A 974 -2.05 6.33 7.46
CA ASN A 974 -1.21 6.00 6.31
C ASN A 974 0.07 6.84 6.29
N ARG A 975 -0.01 8.08 6.77
CA ARG A 975 1.17 8.94 6.78
C ARG A 975 2.24 8.37 7.72
N PHE A 976 1.87 8.08 8.96
CA PHE A 976 2.83 7.50 9.90
C PHE A 976 3.28 6.12 9.43
N SER A 977 2.46 5.43 8.65
CA SER A 977 2.85 4.11 8.16
C SER A 977 3.90 4.21 7.06
N LYS A 978 3.74 5.15 6.12
CA LYS A 978 4.54 5.15 4.91
C LYS A 978 5.44 6.38 4.78
N ASP A 979 4.90 7.59 4.96
CA ASP A 979 5.66 8.80 4.67
C ASP A 979 6.83 8.95 5.63
N ILE A 980 6.62 8.66 6.92
CA ILE A 980 7.72 8.77 7.88
C ILE A 980 8.81 7.76 7.57
N ALA A 981 8.42 6.53 7.22
CA ALA A 981 9.40 5.51 6.88
C ALA A 981 10.20 5.92 5.65
N ILE A 982 9.54 6.45 4.63
CA ILE A 982 10.25 6.90 3.43
C ILE A 982 11.18 8.06 3.77
N LEU A 983 10.70 9.03 4.55
CA LEU A 983 11.49 10.20 4.89
C LEU A 983 12.67 9.86 5.78
N ASP A 984 12.60 8.77 6.55
CA ASP A 984 13.66 8.41 7.47
C ASP A 984 14.67 7.44 6.85
N ASP A 985 14.20 6.47 6.05
CA ASP A 985 15.09 5.43 5.54
C ASP A 985 15.64 5.77 4.15
N LEU A 986 14.76 5.91 3.16
CA LEU A 986 15.20 6.10 1.78
C LEU A 986 15.67 7.53 1.52
N LEU A 987 14.99 8.51 2.12
CA LEU A 987 15.26 9.92 1.79
C LEU A 987 16.69 10.35 2.13
N PRO A 988 17.27 10.04 3.30
CA PRO A 988 18.67 10.44 3.52
C PRO A 988 19.64 9.84 2.52
N LEU A 989 19.46 8.57 2.16
CA LEU A 989 20.35 7.94 1.19
C LEU A 989 20.20 8.60 -0.18
N THR A 990 18.98 8.88 -0.60
CA THR A 990 18.77 9.54 -1.88
C THR A 990 19.36 10.94 -1.88
N ILE A 991 19.20 11.67 -0.78
CA ILE A 991 19.76 13.02 -0.67
C ILE A 991 21.28 12.96 -0.78
N PHE A 992 21.91 12.04 -0.05
CA PHE A 992 23.36 11.94 -0.09
C PHE A 992 23.85 11.56 -1.47
N ASP A 993 23.19 10.58 -2.12
CA ASP A 993 23.60 10.17 -3.46
C ASP A 993 23.47 11.32 -4.45
N PHE A 994 22.35 12.05 -4.41
CA PHE A 994 22.17 13.18 -5.31
C PHE A 994 23.22 14.25 -5.07
N ILE A 995 23.51 14.54 -3.80
CA ILE A 995 24.51 15.56 -3.48
C ILE A 995 25.88 15.15 -4.01
N GLN A 996 26.26 13.90 -3.78
CA GLN A 996 27.57 13.44 -4.23
C GLN A 996 27.67 13.45 -5.75
N LEU A 997 26.62 12.99 -6.43
CA LEU A 997 26.66 12.91 -7.89
C LEU A 997 26.58 14.26 -8.55
N LEU A 998 25.95 15.25 -7.91
CA LEU A 998 26.02 16.62 -8.41
C LEU A 998 27.39 17.23 -8.15
N LEU A 999 27.96 16.96 -6.97
CA LEU A 999 29.25 17.53 -6.61
C LEU A 999 30.35 17.06 -7.54
N ILE A 1000 30.38 15.76 -7.85
CA ILE A 1000 31.42 15.24 -8.73
C ILE A 1000 31.33 15.87 -10.12
N VAL A 1001 30.11 15.96 -10.66
CA VAL A 1001 29.93 16.52 -12.00
C VAL A 1001 30.31 17.99 -12.02
N ILE A 1002 29.88 18.76 -11.01
CA ILE A 1002 30.21 20.18 -10.98
C ILE A 1002 31.71 20.38 -10.86
N GLY A 1003 32.38 19.59 -10.00
CA GLY A 1003 33.82 19.72 -9.87
C GLY A 1003 34.55 19.38 -11.16
N ALA A 1004 34.13 18.31 -11.84
CA ALA A 1004 34.75 17.94 -13.11
C ALA A 1004 34.57 19.04 -14.15
N ILE A 1005 33.36 19.58 -14.25
CA ILE A 1005 33.10 20.65 -15.22
C ILE A 1005 33.96 21.87 -14.89
N ALA A 1006 34.04 22.23 -13.61
CA ALA A 1006 34.81 23.40 -13.22
C ALA A 1006 36.30 23.23 -13.54
N VAL A 1007 36.87 22.06 -13.22
CA VAL A 1007 38.29 21.88 -13.45
C VAL A 1007 38.59 21.83 -14.94
N VAL A 1008 37.72 21.18 -15.73
CA VAL A 1008 37.90 21.14 -17.18
C VAL A 1008 37.85 22.54 -17.76
N ALA A 1009 36.89 23.35 -17.31
CA ALA A 1009 36.78 24.72 -17.78
C ALA A 1009 38.00 25.53 -17.39
N VAL A 1010 38.57 25.27 -16.20
CA VAL A 1010 39.76 26.01 -15.79
C VAL A 1010 40.96 25.66 -16.66
N LEU A 1011 41.15 24.38 -16.97
CA LEU A 1011 42.24 24.03 -17.88
C LEU A 1011 42.04 24.63 -19.27
N GLN A 1012 40.80 24.65 -19.77
CA GLN A 1012 40.51 25.30 -21.05
C GLN A 1012 39.34 26.26 -20.92
N PRO A 1013 39.57 27.57 -20.95
CA PRO A 1013 38.49 28.53 -20.69
C PRO A 1013 37.37 28.52 -21.72
N TYR A 1014 37.63 28.04 -22.95
CA TYR A 1014 36.55 27.98 -23.93
C TYR A 1014 35.49 26.98 -23.54
N ILE A 1015 35.88 25.90 -22.87
CA ILE A 1015 34.92 24.93 -22.38
C ILE A 1015 33.98 25.56 -21.35
N PHE A 1016 34.43 26.60 -20.67
CA PHE A 1016 33.57 27.29 -19.71
C PHE A 1016 32.34 27.88 -20.41
N VAL A 1017 32.56 28.56 -21.56
CA VAL A 1017 31.42 29.09 -22.29
C VAL A 1017 30.72 28.00 -23.09
N ALA A 1018 31.39 26.88 -23.36
CA ALA A 1018 30.71 25.75 -23.99
C ALA A 1018 29.74 25.07 -23.02
N THR A 1019 30.02 25.11 -21.72
CA THR A 1019 29.22 24.39 -20.75
C THR A 1019 27.89 25.06 -20.44
N VAL A 1020 27.84 26.40 -20.45
CA VAL A 1020 26.63 27.10 -20.00
C VAL A 1020 25.40 26.72 -20.82
N PRO A 1021 25.44 26.73 -22.17
CA PRO A 1021 24.27 26.22 -22.91
C PRO A 1021 23.93 24.78 -22.57
N VAL A 1022 24.93 23.94 -22.32
CA VAL A 1022 24.66 22.55 -21.96
C VAL A 1022 23.93 22.46 -20.63
N ILE A 1023 24.37 23.24 -19.64
CA ILE A 1023 23.72 23.21 -18.33
C ILE A 1023 22.29 23.73 -18.43
N VAL A 1024 22.10 24.83 -19.16
CA VAL A 1024 20.73 25.37 -19.27
C VAL A 1024 19.84 24.41 -20.05
N ALA A 1025 20.40 23.69 -21.03
CA ALA A 1025 19.62 22.67 -21.74
C ALA A 1025 19.21 21.55 -20.81
N PHE A 1026 20.15 21.06 -19.98
CA PHE A 1026 19.80 20.05 -18.99
C PHE A 1026 18.66 20.52 -18.10
N ILE A 1027 18.78 21.73 -17.55
CA ILE A 1027 17.78 22.22 -16.60
C ILE A 1027 16.42 22.37 -17.29
N MET A 1028 16.41 22.98 -18.48
CA MET A 1028 15.15 23.20 -19.19
C MET A 1028 14.49 21.87 -19.57
N LEU A 1029 15.28 20.91 -20.04
CA LEU A 1029 14.70 19.63 -20.45
C LEU A 1029 14.18 18.85 -19.25
N ARG A 1030 14.89 18.91 -18.12
CA ARG A 1030 14.39 18.24 -16.92
C ARG A 1030 13.09 18.87 -16.45
N ALA A 1031 13.01 20.20 -16.46
CA ALA A 1031 11.78 20.88 -16.06
C ALA A 1031 10.64 20.52 -17.02
N TYR A 1032 10.94 20.44 -18.31
CA TYR A 1032 9.93 20.05 -19.30
C TYR A 1032 9.42 18.63 -19.05
N PHE A 1033 10.33 17.71 -18.70
CA PHE A 1033 9.93 16.32 -18.55
C PHE A 1033 9.17 16.06 -17.24
N LEU A 1034 9.56 16.75 -16.17
CA LEU A 1034 8.99 16.45 -14.85
C LEU A 1034 7.49 16.68 -14.81
N GLN A 1035 7.01 17.74 -15.45
CA GLN A 1035 5.59 18.09 -15.39
C GLN A 1035 4.73 16.96 -15.90
N THR A 1036 5.11 16.37 -17.04
CA THR A 1036 4.35 15.25 -17.57
C THR A 1036 4.62 13.95 -16.81
N SER A 1037 5.87 13.73 -16.40
CA SER A 1037 6.22 12.46 -15.77
C SER A 1037 5.51 12.29 -14.44
N GLN A 1038 5.49 13.33 -13.60
CA GLN A 1038 4.85 13.22 -12.30
C GLN A 1038 3.35 12.98 -12.45
N GLN A 1039 2.71 13.70 -13.37
CA GLN A 1039 1.28 13.52 -13.60
C GLN A 1039 0.97 12.11 -14.09
N LEU A 1040 1.78 11.59 -15.02
CA LEU A 1040 1.55 10.25 -15.53
C LEU A 1040 1.75 9.21 -14.44
N LYS A 1041 2.77 9.37 -13.60
CA LYS A 1041 2.99 8.44 -12.51
C LYS A 1041 1.83 8.48 -11.51
N GLN A 1042 1.33 9.68 -11.21
CA GLN A 1042 0.20 9.79 -10.29
C GLN A 1042 -1.04 9.12 -10.88
N LEU A 1043 -1.29 9.32 -12.17
CA LEU A 1043 -2.44 8.68 -12.80
C LEU A 1043 -2.30 7.16 -12.78
N GLU A 1044 -1.10 6.65 -13.03
CA GLU A 1044 -0.88 5.21 -12.97
C GLU A 1044 -1.11 4.67 -11.56
N SER A 1045 -0.62 5.39 -10.55
CA SER A 1045 -0.84 4.97 -9.17
C SER A 1045 -2.32 4.97 -8.82
N GLU A 1046 -3.05 5.98 -9.31
CA GLU A 1046 -4.51 6.01 -9.08
C GLU A 1046 -5.21 4.86 -9.80
N GLY A 1047 -4.67 4.42 -10.94
CA GLY A 1047 -5.25 3.33 -11.69
C GLY A 1047 -4.90 1.94 -11.20
N ARG A 1048 -4.11 1.84 -10.12
CA ARG A 1048 -3.71 0.53 -9.62
C ARG A 1048 -4.86 -0.16 -8.87
N SER A 1049 -5.61 0.60 -8.07
CA SER A 1049 -6.64 0.07 -7.18
C SER A 1049 -7.82 -0.62 -7.86
N PRO A 1050 -8.22 -0.26 -9.09
CA PRO A 1050 -9.31 -1.01 -9.73
C PRO A 1050 -9.04 -2.50 -9.86
N ILE A 1051 -7.79 -2.89 -10.15
CA ILE A 1051 -7.47 -4.32 -10.28
C ILE A 1051 -7.73 -5.05 -8.99
N PHE A 1052 -7.26 -4.50 -7.86
CA PHE A 1052 -7.45 -5.16 -6.59
C PHE A 1052 -8.89 -5.12 -6.11
N THR A 1053 -9.61 -4.04 -6.40
CA THR A 1053 -11.04 -4.01 -6.07
C THR A 1053 -11.79 -5.08 -6.84
N HIS A 1054 -11.49 -5.24 -8.12
CA HIS A 1054 -12.12 -6.31 -8.90
C HIS A 1054 -11.74 -7.67 -8.36
N LEU A 1055 -10.48 -7.84 -7.95
CA LEU A 1055 -10.05 -9.12 -7.39
C LEU A 1055 -10.85 -9.46 -6.13
N VAL A 1056 -10.95 -8.50 -5.20
CA VAL A 1056 -11.65 -8.80 -3.95
C VAL A 1056 -13.14 -9.00 -4.21
N THR A 1057 -13.73 -8.25 -5.14
CA THR A 1057 -15.13 -8.45 -5.48
C THR A 1057 -15.37 -9.84 -6.05
N SER A 1058 -14.47 -10.30 -6.92
CA SER A 1058 -14.61 -11.65 -7.47
C SER A 1058 -14.44 -12.70 -6.39
N LEU A 1059 -13.49 -12.50 -5.48
CA LEU A 1059 -13.25 -13.49 -4.43
C LEU A 1059 -14.43 -13.59 -3.46
N LYS A 1060 -15.06 -12.46 -3.14
CA LYS A 1060 -16.14 -12.49 -2.15
C LYS A 1060 -17.32 -13.33 -2.64
N GLY A 1061 -17.66 -13.22 -3.92
CA GLY A 1061 -18.79 -13.95 -4.46
C GLY A 1061 -18.40 -15.11 -5.36
N LEU A 1062 -17.35 -15.83 -4.97
CA LEU A 1062 -16.81 -16.89 -5.82
C LEU A 1062 -17.85 -17.97 -6.08
N TRP A 1063 -18.57 -18.40 -5.03
CA TRP A 1063 -19.58 -19.44 -5.20
C TRP A 1063 -20.70 -18.97 -6.12
N THR A 1064 -21.13 -17.71 -5.97
CA THR A 1064 -22.18 -17.18 -6.82
C THR A 1064 -21.75 -17.13 -8.28
N LEU A 1065 -20.52 -16.68 -8.54
CA LEU A 1065 -20.01 -16.69 -9.91
C LEU A 1065 -19.91 -18.09 -10.47
N ARG A 1066 -19.44 -19.05 -9.67
CA ARG A 1066 -19.33 -20.42 -10.15
C ARG A 1066 -20.71 -21.01 -10.45
N ALA A 1067 -21.72 -20.63 -9.68
CA ALA A 1067 -23.07 -21.12 -9.92
C ALA A 1067 -23.73 -20.46 -11.12
N PHE A 1068 -23.44 -19.18 -11.36
CA PHE A 1068 -24.12 -18.43 -12.41
C PHE A 1068 -23.40 -18.45 -13.75
N GLY A 1069 -22.12 -18.81 -13.78
CA GLY A 1069 -21.39 -18.88 -15.02
C GLY A 1069 -21.16 -17.55 -15.72
N ARG A 1070 -20.78 -16.52 -14.97
CA ARG A 1070 -20.40 -15.23 -15.54
C ARG A 1070 -18.89 -15.08 -15.66
N GLN A 1071 -18.19 -16.20 -15.76
CA GLN A 1071 -16.73 -16.16 -15.91
C GLN A 1071 -16.28 -15.36 -17.12
N PRO A 1072 -16.84 -15.52 -18.32
CA PRO A 1072 -16.40 -14.67 -19.44
C PRO A 1072 -16.59 -13.19 -19.18
N TYR A 1073 -17.70 -12.81 -18.55
CA TYR A 1073 -17.93 -11.40 -18.25
C TYR A 1073 -16.89 -10.86 -17.28
N PHE A 1074 -16.57 -11.64 -16.24
CA PHE A 1074 -15.56 -11.19 -15.30
C PHE A 1074 -14.17 -11.14 -15.94
N GLU A 1075 -13.85 -12.11 -16.81
CA GLU A 1075 -12.59 -12.03 -17.55
C GLU A 1075 -12.51 -10.78 -18.40
N THR A 1076 -13.57 -10.46 -19.14
CA THR A 1076 -13.48 -9.30 -20.02
C THR A 1076 -13.44 -8.00 -19.23
N LEU A 1077 -14.10 -7.94 -18.07
CA LEU A 1077 -14.01 -6.72 -17.26
C LEU A 1077 -12.61 -6.58 -16.65
N PHE A 1078 -12.03 -7.68 -16.18
CA PHE A 1078 -10.66 -7.65 -15.68
C PHE A 1078 -9.69 -7.20 -16.76
N HIS A 1079 -9.88 -7.71 -17.98
CA HIS A 1079 -9.03 -7.29 -19.09
C HIS A 1079 -9.25 -5.81 -19.42
N LYS A 1080 -10.49 -5.33 -19.28
CA LYS A 1080 -10.76 -3.92 -19.52
C LYS A 1080 -9.98 -3.03 -18.55
N ALA A 1081 -9.93 -3.42 -17.27
CA ALA A 1081 -9.15 -2.65 -16.30
C ALA A 1081 -7.65 -2.79 -16.57
N LEU A 1082 -7.20 -4.01 -16.87
CA LEU A 1082 -5.78 -4.24 -17.11
C LEU A 1082 -5.29 -3.47 -18.32
N ASN A 1083 -6.15 -3.29 -19.33
CA ASN A 1083 -5.75 -2.51 -20.50
C ASN A 1083 -5.45 -1.06 -20.14
N LEU A 1084 -6.29 -0.45 -19.30
CA LEU A 1084 -6.04 0.91 -18.87
C LEU A 1084 -4.74 1.00 -18.08
N HIS A 1085 -4.53 0.06 -17.15
CA HIS A 1085 -3.29 0.10 -16.38
C HIS A 1085 -2.07 -0.09 -17.28
N THR A 1086 -2.16 -1.00 -18.25
CA THR A 1086 -1.06 -1.25 -19.17
C THR A 1086 -0.78 -0.01 -20.01
N ALA A 1087 -1.81 0.68 -20.47
CA ALA A 1087 -1.60 1.90 -21.23
C ALA A 1087 -0.88 2.94 -20.40
N ASN A 1088 -1.29 3.12 -19.15
CA ASN A 1088 -0.63 4.10 -18.28
C ASN A 1088 0.85 3.76 -18.13
N TRP A 1089 1.16 2.50 -17.79
CA TRP A 1089 2.56 2.12 -17.58
C TRP A 1089 3.36 2.22 -18.87
N PHE A 1090 2.75 1.88 -20.00
CA PHE A 1090 3.45 1.93 -21.28
C PHE A 1090 3.81 3.35 -21.66
N LEU A 1091 2.88 4.29 -21.48
CA LEU A 1091 3.21 5.69 -21.75
C LEU A 1091 4.27 6.20 -20.79
N TYR A 1092 4.23 5.79 -19.52
CA TYR A 1092 5.27 6.21 -18.59
C TYR A 1092 6.64 5.72 -19.05
N LEU A 1093 6.72 4.45 -19.46
CA LEU A 1093 8.00 3.91 -19.92
C LEU A 1093 8.47 4.61 -21.19
N SER A 1094 7.55 4.89 -22.12
CA SER A 1094 7.93 5.55 -23.36
C SER A 1094 8.48 6.96 -23.10
N THR A 1095 7.81 7.73 -22.24
CA THR A 1095 8.31 9.07 -21.98
C THR A 1095 9.63 9.04 -21.20
N LEU A 1096 9.81 8.06 -20.31
CA LEU A 1096 11.10 7.94 -19.62
C LEU A 1096 12.22 7.63 -20.62
N ARG A 1097 11.95 6.72 -21.57
CA ARG A 1097 12.95 6.41 -22.58
C ARG A 1097 13.27 7.62 -23.45
N TRP A 1098 12.25 8.40 -23.81
CA TRP A 1098 12.50 9.61 -24.59
C TRP A 1098 13.37 10.58 -23.82
N PHE A 1099 13.09 10.76 -22.53
CA PHE A 1099 13.88 11.66 -21.69
C PHE A 1099 15.34 11.22 -21.65
N GLN A 1100 15.56 9.91 -21.44
CA GLN A 1100 16.94 9.41 -21.39
C GLN A 1100 17.64 9.60 -22.73
N MET A 1101 16.94 9.29 -23.83
CA MET A 1101 17.50 9.49 -25.16
C MET A 1101 17.96 10.93 -25.35
N ARG A 1102 17.09 11.89 -25.02
CA ARG A 1102 17.41 13.29 -25.29
C ARG A 1102 18.53 13.79 -24.40
N ILE A 1103 18.56 13.38 -23.12
CA ILE A 1103 19.65 13.82 -22.27
C ILE A 1103 20.97 13.24 -22.74
N GLU A 1104 20.98 11.99 -23.20
CA GLU A 1104 22.19 11.41 -23.72
C GLU A 1104 22.65 12.12 -24.99
N MET A 1105 21.71 12.49 -25.85
CA MET A 1105 22.06 13.22 -27.06
C MET A 1105 22.68 14.57 -26.73
N ILE A 1106 22.11 15.28 -25.75
CA ILE A 1106 22.66 16.57 -25.37
C ILE A 1106 24.08 16.40 -24.82
N PHE A 1107 24.29 15.36 -24.01
CA PHE A 1107 25.65 15.11 -23.51
C PHE A 1107 26.61 14.78 -24.66
N VAL A 1108 26.14 14.05 -25.67
CA VAL A 1108 27.01 13.75 -26.82
C VAL A 1108 27.39 15.03 -27.55
N ILE A 1109 26.45 15.96 -27.70
CA ILE A 1109 26.76 17.24 -28.32
C ILE A 1109 27.81 17.98 -27.49
N PHE A 1110 27.63 17.98 -26.17
CA PHE A 1110 28.63 18.60 -25.30
C PHE A 1110 30.00 17.95 -25.48
N PHE A 1111 30.02 16.62 -25.60
CA PHE A 1111 31.29 15.91 -25.72
C PHE A 1111 31.99 16.24 -27.03
N ILE A 1112 31.26 16.26 -28.14
CA ILE A 1112 31.89 16.62 -29.41
C ILE A 1112 32.44 18.03 -29.34
N ALA A 1113 31.68 18.96 -28.75
CA ALA A 1113 32.15 20.34 -28.65
C ALA A 1113 33.45 20.40 -27.86
N VAL A 1114 33.46 19.82 -26.66
CA VAL A 1114 34.63 19.94 -25.79
C VAL A 1114 35.84 19.25 -26.42
N THR A 1115 35.64 18.05 -26.98
CA THR A 1115 36.78 17.31 -27.52
C THR A 1115 37.37 18.01 -28.73
N PHE A 1116 36.53 18.42 -29.69
CA PHE A 1116 37.08 19.10 -30.86
C PHE A 1116 37.75 20.42 -30.48
N ILE A 1117 37.14 21.20 -29.59
CA ILE A 1117 37.75 22.48 -29.24
C ILE A 1117 39.08 22.25 -28.52
N SER A 1118 39.14 21.27 -27.62
CA SER A 1118 40.38 21.02 -26.89
C SER A 1118 41.48 20.50 -27.81
N ILE A 1119 41.13 19.60 -28.74
CA ILE A 1119 42.15 19.01 -29.59
C ILE A 1119 42.63 20.03 -30.63
N LEU A 1120 41.75 20.94 -31.08
CA LEU A 1120 42.18 21.95 -32.03
C LEU A 1120 42.99 23.07 -31.38
N THR A 1121 42.68 23.44 -30.13
CA THR A 1121 43.49 24.44 -29.46
C THR A 1121 44.92 23.96 -29.30
N THR A 1122 45.87 24.83 -29.63
CA THR A 1122 47.30 24.50 -29.58
C THR A 1122 47.83 24.74 -28.16
N GLY A 1123 47.38 23.89 -27.25
CA GLY A 1123 47.78 24.01 -25.86
C GLY A 1123 49.22 23.59 -25.63
N GLU A 1124 49.69 23.88 -24.42
CA GLU A 1124 51.05 23.56 -24.00
C GLU A 1124 51.01 22.57 -22.84
N GLY A 1125 51.85 21.57 -22.91
CA GLY A 1125 51.91 20.55 -21.88
C GLY A 1125 51.39 19.22 -22.37
N GLU A 1126 51.84 18.14 -21.73
CA GLU A 1126 51.43 16.80 -22.12
C GLU A 1126 50.25 16.29 -21.30
N GLY A 1127 50.13 16.70 -20.04
CA GLY A 1127 49.03 16.23 -19.22
C GLY A 1127 47.68 16.75 -19.68
N ARG A 1128 47.61 18.04 -20.01
CA ARG A 1128 46.32 18.73 -20.14
C ARG A 1128 45.38 18.01 -21.09
N VAL A 1129 45.85 17.66 -22.29
CA VAL A 1129 44.97 17.05 -23.28
C VAL A 1129 44.43 15.72 -22.76
N GLY A 1130 45.31 14.86 -22.24
CA GLY A 1130 44.88 13.57 -21.77
C GLY A 1130 43.92 13.65 -20.59
N ILE A 1131 44.22 14.53 -19.63
CA ILE A 1131 43.36 14.63 -18.45
C ILE A 1131 42.01 15.21 -18.82
N ILE A 1132 41.99 16.22 -19.69
CA ILE A 1132 40.72 16.80 -20.12
C ILE A 1132 39.90 15.77 -20.87
N LEU A 1133 40.52 15.02 -21.78
CA LEU A 1133 39.78 14.01 -22.54
C LEU A 1133 39.23 12.93 -21.63
N THR A 1134 40.04 12.43 -20.69
CA THR A 1134 39.57 11.39 -19.78
C THR A 1134 38.42 11.89 -18.92
N LEU A 1135 38.56 13.10 -18.37
CA LEU A 1135 37.51 13.65 -17.51
C LEU A 1135 36.22 13.84 -18.29
N ALA A 1136 36.30 14.44 -19.48
CA ALA A 1136 35.10 14.64 -20.29
C ALA A 1136 34.55 13.35 -20.87
N MET A 1137 35.33 12.27 -20.85
CA MET A 1137 34.88 11.01 -21.42
C MET A 1137 34.21 10.10 -20.41
N ASN A 1138 34.66 10.10 -19.16
CA ASN A 1138 34.12 9.17 -18.17
C ASN A 1138 32.97 9.75 -17.36
N ILE A 1139 32.50 10.97 -17.67
CA ILE A 1139 31.44 11.59 -16.87
C ILE A 1139 30.09 10.90 -17.10
N MET A 1140 29.79 10.51 -18.34
CA MET A 1140 28.42 10.15 -18.71
C MET A 1140 27.81 9.11 -17.78
N SER A 1141 28.61 8.14 -17.33
CA SER A 1141 28.10 7.13 -16.41
C SER A 1141 27.65 7.75 -15.10
N THR A 1142 28.40 8.74 -14.61
CA THR A 1142 28.00 9.44 -13.40
C THR A 1142 26.84 10.41 -13.65
N LEU A 1143 26.80 11.02 -14.84
CA LEU A 1143 25.73 11.97 -15.15
C LEU A 1143 24.37 11.29 -15.22
N GLN A 1144 24.33 10.08 -15.77
CA GLN A 1144 23.06 9.33 -15.80
C GLN A 1144 22.54 9.12 -14.38
N TRP A 1145 23.40 8.66 -13.48
CA TRP A 1145 22.99 8.46 -12.09
C TRP A 1145 22.63 9.78 -11.43
N ALA A 1146 23.33 10.85 -11.77
CA ALA A 1146 23.04 12.15 -11.19
C ALA A 1146 21.63 12.61 -11.54
N VAL A 1147 21.26 12.52 -12.81
CA VAL A 1147 19.93 12.96 -13.22
C VAL A 1147 18.86 12.01 -12.67
N ASN A 1148 19.17 10.71 -12.61
CA ASN A 1148 18.21 9.77 -12.02
C ASN A 1148 17.97 10.09 -10.55
N SER A 1149 19.02 10.38 -9.80
CA SER A 1149 18.85 10.79 -8.41
C SER A 1149 18.13 12.12 -8.31
N SER A 1150 18.34 13.03 -9.27
CA SER A 1150 17.66 14.32 -9.26
C SER A 1150 16.16 14.15 -9.41
N ILE A 1151 15.73 13.23 -10.27
CA ILE A 1151 14.28 12.99 -10.37
C ILE A 1151 13.77 12.22 -9.15
N ASP A 1152 14.57 11.28 -8.64
CA ASP A 1152 14.12 10.45 -7.52
C ASP A 1152 13.97 11.25 -6.23
N VAL A 1153 14.83 12.24 -6.00
CA VAL A 1153 14.74 13.03 -4.77
C VAL A 1153 13.45 13.84 -4.75
N ASP A 1154 13.07 14.42 -5.89
CA ASP A 1154 11.79 15.11 -5.98
C ASP A 1154 10.62 14.14 -5.78
N SER A 1155 10.71 12.96 -6.41
CA SER A 1155 9.66 11.97 -6.23
C SER A 1155 9.48 11.60 -4.77
N LEU A 1156 10.58 11.51 -4.03
CA LEU A 1156 10.50 11.17 -2.60
C LEU A 1156 9.99 12.34 -1.77
N MET A 1157 10.47 13.55 -2.04
CA MET A 1157 10.12 14.72 -1.24
C MET A 1157 8.68 15.15 -1.49
N ARG A 1158 8.05 14.63 -2.54
CA ARG A 1158 6.60 14.73 -2.67
C ARG A 1158 5.86 14.27 -1.41
N SER A 1159 6.51 13.47 -0.55
CA SER A 1159 5.93 13.01 0.70
C SER A 1159 6.18 13.97 1.86
N VAL A 1160 7.38 14.56 1.95
CA VAL A 1160 7.60 15.56 2.97
C VAL A 1160 6.73 16.77 2.71
N SER A 1161 6.29 16.96 1.47
CA SER A 1161 5.28 17.99 1.21
C SER A 1161 4.01 17.75 2.05
N ARG A 1162 3.49 16.52 2.00
CA ARG A 1162 2.31 16.18 2.80
C ARG A 1162 2.61 16.26 4.29
N VAL A 1163 3.81 15.82 4.69
CA VAL A 1163 4.19 15.90 6.10
C VAL A 1163 4.18 17.34 6.58
N PHE A 1164 4.70 18.26 5.76
CA PHE A 1164 4.69 19.67 6.13
C PHE A 1164 3.28 20.24 6.13
N LYS A 1165 2.40 19.76 5.25
CA LYS A 1165 1.01 20.21 5.30
C LYS A 1165 0.37 19.84 6.64
N PHE A 1166 0.57 18.59 7.08
CA PHE A 1166 0.04 18.21 8.39
C PHE A 1166 0.77 18.90 9.53
N ILE A 1167 2.01 19.34 9.31
CA ILE A 1167 2.64 20.26 10.26
C ILE A 1167 1.85 21.56 10.31
N ASP A 1168 1.42 22.06 9.15
CA ASP A 1168 0.77 23.36 9.02
C ASP A 1168 -0.72 23.33 9.34
N MET A 1169 -1.29 22.16 9.63
CA MET A 1169 -2.68 22.14 10.05
C MET A 1169 -2.85 22.93 11.35
N PRO A 1170 -4.01 23.56 11.55
CA PRO A 1170 -4.19 24.44 12.71
C PRO A 1170 -4.18 23.72 14.05
N THR A 1171 -4.23 24.49 15.14
CA THR A 1171 -4.24 23.93 16.48
C THR A 1171 -5.07 24.83 17.39
N GLU A 1172 -5.47 24.28 18.53
CA GLU A 1172 -6.27 25.03 19.49
C GLU A 1172 -5.58 25.10 20.85
N GLY A 1207 -20.12 21.05 44.04
CA GLY A 1207 -21.36 21.12 43.28
C GLY A 1207 -21.16 20.98 41.78
N GLY A 1208 -20.80 22.08 41.13
CA GLY A 1208 -20.59 22.07 39.70
C GLY A 1208 -21.86 22.12 38.89
N GLN A 1209 -22.63 23.19 39.04
CA GLN A 1209 -23.86 23.36 38.27
C GLN A 1209 -23.55 23.74 36.83
N MET A 1210 -24.55 23.59 35.97
CA MET A 1210 -24.42 23.89 34.55
C MET A 1210 -25.57 24.77 34.11
N THR A 1211 -25.28 25.63 33.13
CA THR A 1211 -26.31 26.51 32.56
C THR A 1211 -25.93 26.80 31.12
N VAL A 1212 -26.67 26.22 30.18
CA VAL A 1212 -26.37 26.33 28.75
C VAL A 1212 -27.10 27.53 28.18
N LYS A 1213 -26.47 28.19 27.20
CA LYS A 1213 -27.02 29.37 26.55
C LYS A 1213 -26.86 29.24 25.03
N ASP A 1214 -27.87 28.70 24.36
CA ASP A 1214 -27.93 28.63 22.89
C ASP A 1214 -26.74 27.85 22.33
N LEU A 1215 -26.59 26.61 22.76
CA LEU A 1215 -25.51 25.76 22.28
C LEU A 1215 -25.78 25.32 20.85
N THR A 1216 -24.70 25.22 20.06
CA THR A 1216 -24.79 24.69 18.70
C THR A 1216 -23.45 24.08 18.33
N ALA A 1217 -23.49 22.95 17.63
CA ALA A 1217 -22.27 22.25 17.26
C ALA A 1217 -22.56 21.31 16.10
N LYS A 1218 -21.50 20.90 15.42
CA LYS A 1218 -21.60 19.93 14.33
C LYS A 1218 -20.26 19.22 14.19
N TYR A 1219 -20.28 18.07 13.53
CA TYR A 1219 -19.08 17.27 13.37
C TYR A 1219 -18.02 18.02 12.56
N THR A 1220 -18.44 18.67 11.47
CA THR A 1220 -17.57 19.50 10.67
C THR A 1220 -18.34 20.73 10.23
N GLU A 1221 -17.60 21.78 9.86
CA GLU A 1221 -18.24 23.00 9.40
C GLU A 1221 -19.07 22.71 8.15
N GLY A 1222 -20.31 23.19 8.16
CA GLY A 1222 -21.26 22.86 7.11
C GLY A 1222 -22.00 21.56 7.30
N GLY A 1223 -21.82 20.89 8.44
CA GLY A 1223 -22.50 19.64 8.72
C GLY A 1223 -23.90 19.86 9.25
N ASN A 1224 -24.53 18.76 9.65
CA ASN A 1224 -25.88 18.79 10.17
C ASN A 1224 -25.85 19.14 11.65
N ALA A 1225 -26.44 20.28 12.01
CA ALA A 1225 -26.46 20.74 13.40
C ALA A 1225 -27.45 19.90 14.18
N ILE A 1226 -26.93 18.87 14.87
CA ILE A 1226 -27.79 18.01 15.67
C ILE A 1226 -28.36 18.78 16.85
N LEU A 1227 -27.55 19.63 17.47
CA LEU A 1227 -27.97 20.48 18.58
C LEU A 1227 -27.93 21.94 18.13
N GLU A 1228 -29.05 22.64 18.27
CA GLU A 1228 -29.15 24.02 17.84
C GLU A 1228 -30.12 24.76 18.74
N ASN A 1229 -29.68 25.91 19.27
CA ASN A 1229 -30.49 26.75 20.16
C ASN A 1229 -30.98 25.96 21.38
N ILE A 1230 -30.01 25.52 22.18
CA ILE A 1230 -30.25 24.67 23.33
C ILE A 1230 -30.03 25.48 24.60
N SER A 1231 -30.98 25.39 25.53
CA SER A 1231 -30.89 26.12 26.79
C SER A 1231 -31.49 25.28 27.91
N PHE A 1232 -30.68 24.93 28.89
CA PHE A 1232 -31.14 24.16 30.05
C PHE A 1232 -30.12 24.34 31.17
N SER A 1233 -30.54 23.96 32.38
CA SER A 1233 -29.71 24.10 33.57
C SER A 1233 -29.78 22.84 34.42
N ILE A 1234 -28.73 22.62 35.20
CA ILE A 1234 -28.63 21.47 36.11
C ILE A 1234 -28.32 21.99 37.50
N SER A 1235 -29.10 21.57 38.49
CA SER A 1235 -28.88 21.96 39.86
C SER A 1235 -27.71 21.19 40.48
N PRO A 1236 -26.95 21.82 41.36
CA PRO A 1236 -25.84 21.12 42.02
C PRO A 1236 -26.35 20.02 42.95
N GLY A 1237 -25.54 18.98 43.10
CA GLY A 1237 -25.88 17.88 43.98
C GLY A 1237 -27.12 17.12 43.55
N GLN A 1238 -27.28 16.89 42.25
CA GLN A 1238 -28.43 16.18 41.72
C GLN A 1238 -27.93 15.22 40.63
N ARG A 1239 -28.87 14.65 39.89
CA ARG A 1239 -28.55 13.78 38.76
C ARG A 1239 -29.49 14.10 37.61
N VAL A 1240 -29.03 13.81 36.40
CA VAL A 1240 -29.80 14.05 35.18
C VAL A 1240 -29.82 12.77 34.37
N GLY A 1241 -31.03 12.31 34.01
CA GLY A 1241 -31.20 11.15 33.17
C GLY A 1241 -31.51 11.57 31.75
N LEU A 1242 -30.78 11.00 30.80
CA LEU A 1242 -30.92 11.32 29.39
C LEU A 1242 -31.45 10.09 28.65
N LEU A 1243 -32.51 10.29 27.88
CA LEU A 1243 -33.13 9.22 27.11
C LEU A 1243 -33.29 9.67 25.67
N GLY A 1244 -33.07 8.74 24.75
CA GLY A 1244 -33.21 9.04 23.34
C GLY A 1244 -32.85 7.83 22.50
N ARG A 1245 -33.31 7.86 21.26
CA ARG A 1245 -33.03 6.78 20.33
C ARG A 1245 -31.57 6.80 19.89
N THR A 1246 -31.11 5.67 19.38
CA THR A 1246 -29.75 5.59 18.87
C THR A 1246 -29.58 6.50 17.66
N GLY A 1247 -28.45 7.20 17.61
CA GLY A 1247 -28.20 8.15 16.55
C GLY A 1247 -28.91 9.48 16.67
N SER A 1248 -29.62 9.71 17.78
CA SER A 1248 -30.34 10.97 17.95
C SER A 1248 -29.40 12.13 18.28
N GLY A 1249 -28.22 11.86 18.83
CA GLY A 1249 -27.26 12.91 19.09
C GLY A 1249 -26.80 12.99 20.54
N LYS A 1250 -26.99 11.91 21.29
CA LYS A 1250 -26.51 11.90 22.68
C LYS A 1250 -24.99 12.00 22.74
N SER A 1251 -24.30 11.24 21.88
CA SER A 1251 -22.84 11.32 21.84
C SER A 1251 -22.37 12.70 21.42
N THR A 1252 -23.08 13.31 20.46
CA THR A 1252 -22.73 14.67 20.05
C THR A 1252 -22.94 15.66 21.20
N LEU A 1253 -24.00 15.49 21.97
CA LEU A 1253 -24.23 16.38 23.11
C LEU A 1253 -23.14 16.22 24.16
N LEU A 1254 -22.74 14.98 24.46
CA LEU A 1254 -21.64 14.76 25.40
C LEU A 1254 -20.35 15.39 24.88
N SER A 1255 -20.07 15.24 23.58
CA SER A 1255 -18.88 15.86 23.01
C SER A 1255 -18.94 17.38 23.10
N ALA A 1256 -20.10 17.96 22.84
CA ALA A 1256 -20.25 19.41 22.94
C ALA A 1256 -20.03 19.87 24.38
N PHE A 1257 -20.51 19.10 25.35
CA PHE A 1257 -20.19 19.40 26.75
C PHE A 1257 -18.67 19.35 26.96
N LEU A 1258 -18.02 18.34 26.40
CA LEU A 1258 -16.58 18.14 26.58
C LEU A 1258 -15.74 19.12 25.76
N ARG A 1259 -16.37 19.95 24.92
CA ARG A 1259 -15.65 20.81 23.98
C ARG A 1259 -14.82 19.95 23.01
N LEU A 1260 -15.38 18.82 22.62
CA LEU A 1260 -14.75 18.00 21.59
C LEU A 1260 -14.98 18.59 20.21
N LEU A 1261 -16.14 19.18 19.97
CA LEU A 1261 -16.48 19.75 18.68
C LEU A 1261 -16.55 21.27 18.78
N ASN A 1262 -16.59 21.92 17.62
CA ASN A 1262 -16.69 23.38 17.57
C ASN A 1262 -18.08 23.81 18.05
N THR A 1263 -18.12 24.72 19.02
CA THR A 1263 -19.36 25.15 19.64
C THR A 1263 -19.43 26.67 19.68
N GLU A 1264 -20.64 27.19 19.64
CA GLU A 1264 -20.91 28.61 19.79
C GLU A 1264 -21.91 28.80 20.93
N GLY A 1265 -21.66 29.80 21.78
CA GLY A 1265 -22.46 30.00 22.97
C GLY A 1265 -21.63 29.84 24.22
N GLU A 1266 -22.26 29.50 25.34
CA GLU A 1266 -21.54 29.34 26.58
C GLU A 1266 -22.30 28.45 27.53
N ILE A 1267 -21.56 27.73 28.37
CA ILE A 1267 -22.11 27.07 29.55
C ILE A 1267 -21.27 27.51 30.74
N GLN A 1268 -21.92 27.88 31.83
CA GLN A 1268 -21.23 28.42 32.99
C GLN A 1268 -21.25 27.40 34.13
N ILE A 1269 -20.06 27.00 34.57
CA ILE A 1269 -19.90 26.17 35.76
C ILE A 1269 -19.66 27.13 36.92
N ASP A 1270 -20.74 27.51 37.59
CA ASP A 1270 -20.77 28.50 38.66
C ASP A 1270 -20.45 29.91 38.16
N GLY A 1271 -20.32 30.10 36.86
CA GLY A 1271 -20.15 31.44 36.32
C GLY A 1271 -19.06 31.61 35.27
N VAL A 1272 -18.35 30.53 34.94
CA VAL A 1272 -17.23 30.58 34.01
C VAL A 1272 -17.53 29.68 32.81
N SER A 1273 -17.28 30.20 31.61
CA SER A 1273 -17.53 29.49 30.37
C SER A 1273 -16.22 28.97 29.77
N TRP A 1274 -16.29 28.45 28.54
CA TRP A 1274 -15.06 28.07 27.86
C TRP A 1274 -14.19 29.28 27.57
N ASP A 1275 -14.81 30.40 27.22
CA ASP A 1275 -14.06 31.53 26.66
C ASP A 1275 -13.09 32.12 27.68
N SER A 1276 -13.52 32.25 28.94
CA SER A 1276 -12.75 32.96 29.94
C SER A 1276 -11.69 32.10 30.63
N ILE A 1277 -11.70 30.78 30.43
CA ILE A 1277 -10.77 29.89 31.11
C ILE A 1277 -10.13 28.96 30.10
N THR A 1278 -9.00 28.37 30.49
CA THR A 1278 -8.26 27.50 29.58
C THR A 1278 -8.99 26.17 29.38
N LEU A 1279 -8.99 25.72 28.12
CA LEU A 1279 -9.64 24.46 27.79
C LEU A 1279 -8.95 23.28 28.47
N GLN A 1280 -7.66 23.41 28.78
CA GLN A 1280 -6.93 22.34 29.44
C GLN A 1280 -7.54 22.06 30.82
N GLN A 1281 -7.58 23.08 31.68
CA GLN A 1281 -8.23 22.91 32.98
C GLN A 1281 -9.72 22.69 32.84
N TRP A 1282 -10.32 23.12 31.73
CA TRP A 1282 -11.72 22.79 31.48
C TRP A 1282 -11.92 21.28 31.37
N ARG A 1283 -11.05 20.60 30.61
CA ARG A 1283 -11.19 19.17 30.42
C ARG A 1283 -10.99 18.41 31.72
N LYS A 1284 -10.02 18.83 32.54
CA LYS A 1284 -9.73 18.12 33.77
C LYS A 1284 -10.87 18.21 34.76
N ALA A 1285 -11.65 19.30 34.72
CA ALA A 1285 -12.79 19.43 35.62
C ALA A 1285 -13.90 18.43 35.29
N PHE A 1286 -13.89 17.85 34.10
CA PHE A 1286 -14.91 16.89 33.70
C PHE A 1286 -14.41 15.46 33.91
N GLY A 1287 -15.29 14.51 33.65
CA GLY A 1287 -14.98 13.10 33.70
C GLY A 1287 -16.06 12.30 32.99
N VAL A 1288 -15.66 11.41 32.10
CA VAL A 1288 -16.61 10.71 31.25
C VAL A 1288 -16.01 9.37 30.81
N ILE A 1289 -16.88 8.40 30.60
CA ILE A 1289 -16.51 7.13 29.99
C ILE A 1289 -17.13 7.09 28.59
N PRO A 1290 -16.40 6.66 27.56
CA PRO A 1290 -16.93 6.72 26.20
C PRO A 1290 -17.87 5.56 25.91
N GLN A 1291 -18.57 5.68 24.77
CA GLN A 1291 -19.37 4.57 24.29
C GLN A 1291 -18.50 3.37 23.96
N LYS A 1292 -17.35 3.61 23.34
CA LYS A 1292 -16.34 2.58 23.08
C LYS A 1292 -15.11 2.91 23.93
N VAL A 1293 -14.84 2.06 24.93
CA VAL A 1293 -13.76 2.33 25.86
C VAL A 1293 -12.41 2.29 25.13
N PHE A 1294 -11.43 3.00 25.70
CA PHE A 1294 -10.11 3.13 25.12
C PHE A 1294 -9.07 2.52 26.03
N ILE A 1295 -8.20 1.69 25.46
CA ILE A 1295 -7.08 1.09 26.18
C ILE A 1295 -5.94 0.92 25.19
N PHE A 1296 -4.70 1.05 25.68
CA PHE A 1296 -3.53 0.93 24.83
C PHE A 1296 -2.63 -0.17 25.35
N SER A 1297 -1.70 -0.60 24.48
CA SER A 1297 -0.82 -1.72 24.79
C SER A 1297 0.23 -1.27 25.80
N GLY A 1298 -0.19 -1.22 27.06
CA GLY A 1298 0.68 -0.85 28.15
C GLY A 1298 0.27 -1.55 29.42
N THR A 1299 1.06 -1.36 30.47
CA THR A 1299 0.79 -2.00 31.74
C THR A 1299 -0.39 -1.32 32.43
N PHE A 1300 -0.91 -1.97 33.47
CA PHE A 1300 -2.00 -1.40 34.25
C PHE A 1300 -1.56 -0.10 34.91
N ARG A 1301 -0.32 -0.06 35.41
CA ARG A 1301 0.19 1.16 36.03
C ARG A 1301 0.21 2.32 35.03
N LYS A 1302 0.66 2.07 33.80
CA LYS A 1302 0.70 3.13 32.80
C LYS A 1302 -0.72 3.53 32.37
N ASN A 1303 -1.62 2.55 32.23
CA ASN A 1303 -2.98 2.87 31.82
C ASN A 1303 -3.75 3.61 32.91
N LEU A 1304 -3.34 3.46 34.18
CA LEU A 1304 -3.97 4.20 35.26
C LEU A 1304 -3.36 5.59 35.44
N ASP A 1305 -2.03 5.68 35.41
CA ASP A 1305 -1.31 6.93 35.69
C ASP A 1305 -0.28 7.16 34.58
N PRO A 1306 -0.72 7.61 33.40
CA PRO A 1306 0.24 7.88 32.33
C PRO A 1306 1.18 9.04 32.63
N TYR A 1307 0.78 9.95 33.51
CA TYR A 1307 1.58 11.14 33.79
C TYR A 1307 2.58 10.94 34.92
N GLU A 1308 2.65 9.75 35.51
CA GLU A 1308 3.55 9.47 36.63
C GLU A 1308 3.31 10.44 37.78
N GLN A 1309 2.03 10.74 38.04
CA GLN A 1309 1.64 11.65 39.11
C GLN A 1309 1.01 10.93 40.29
N TRP A 1310 1.10 9.60 40.36
CA TRP A 1310 0.43 8.83 41.39
C TRP A 1310 1.41 7.84 42.01
N SER A 1311 1.14 7.49 43.26
CA SER A 1311 1.97 6.56 44.02
C SER A 1311 1.22 5.24 44.25
N ASP A 1312 1.99 4.25 44.69
CA ASP A 1312 1.45 2.89 44.82
C ASP A 1312 0.34 2.83 45.86
N GLN A 1313 0.51 3.51 46.99
CA GLN A 1313 -0.49 3.45 48.04
C GLN A 1313 -1.82 4.05 47.59
N GLU A 1314 -1.77 5.17 46.87
CA GLU A 1314 -3.00 5.79 46.40
C GLU A 1314 -3.63 5.01 45.25
N ILE A 1315 -2.81 4.39 44.39
CA ILE A 1315 -3.36 3.48 43.39
C ILE A 1315 -4.08 2.32 44.06
N TRP A 1316 -3.48 1.76 45.13
CA TRP A 1316 -4.13 0.70 45.88
C TRP A 1316 -5.43 1.18 46.51
N LYS A 1317 -5.43 2.40 47.04
CA LYS A 1317 -6.64 2.94 47.65
C LYS A 1317 -7.76 3.09 46.61
N VAL A 1318 -7.43 3.59 45.43
CA VAL A 1318 -8.42 3.71 44.35
C VAL A 1318 -8.94 2.33 43.95
N ALA A 1319 -8.05 1.36 43.81
CA ALA A 1319 -8.45 0.01 43.43
C ALA A 1319 -9.36 -0.60 44.49
N ASP A 1320 -9.04 -0.39 45.77
CA ASP A 1320 -9.88 -0.92 46.85
C ASP A 1320 -11.25 -0.27 46.85
N GLU A 1321 -11.30 1.06 46.66
CA GLU A 1321 -12.59 1.75 46.66
C GLU A 1321 -13.45 1.30 45.48
N VAL A 1322 -12.85 1.19 44.30
CA VAL A 1322 -13.62 0.76 43.13
C VAL A 1322 -13.82 -0.75 43.11
N GLY A 1323 -12.91 -1.50 43.73
CA GLY A 1323 -13.05 -2.95 43.78
C GLY A 1323 -12.31 -3.65 42.66
N LEU A 1324 -11.01 -3.35 42.50
CA LEU A 1324 -10.20 -3.92 41.44
C LEU A 1324 -9.23 -4.98 41.92
N ARG A 1325 -9.34 -5.43 43.18
CA ARG A 1325 -8.39 -6.40 43.71
C ARG A 1325 -8.46 -7.72 42.96
N SER A 1326 -9.67 -8.19 42.67
CA SER A 1326 -9.83 -9.42 41.90
C SER A 1326 -9.29 -9.24 40.49
N VAL A 1327 -9.48 -8.07 39.90
CA VAL A 1327 -8.93 -7.80 38.56
C VAL A 1327 -7.42 -7.88 38.59
N ILE A 1328 -6.79 -7.29 39.62
CA ILE A 1328 -5.34 -7.27 39.69
C ILE A 1328 -4.79 -8.68 39.91
N GLU A 1329 -5.35 -9.41 40.87
CA GLU A 1329 -4.82 -10.73 41.20
C GLU A 1329 -5.17 -11.79 40.17
N GLN A 1330 -6.25 -11.60 39.41
CA GLN A 1330 -6.70 -12.61 38.46
C GLN A 1330 -5.66 -12.87 37.38
N PHE A 1331 -4.90 -11.86 37.01
CA PHE A 1331 -3.89 -12.06 35.98
C PHE A 1331 -2.53 -12.33 36.62
N PRO A 1332 -1.68 -13.13 35.95
CA PRO A 1332 -0.40 -13.49 36.57
C PRO A 1332 0.49 -12.30 36.90
N GLY A 1333 0.47 -11.27 36.06
CA GLY A 1333 1.26 -10.09 36.32
C GLY A 1333 0.59 -9.16 37.32
N LYS A 1334 1.14 -9.06 38.52
CA LYS A 1334 0.56 -8.23 39.56
C LYS A 1334 0.69 -6.76 39.16
N LEU A 1335 -0.43 -6.17 38.75
CA LEU A 1335 -0.53 -4.74 38.44
C LEU A 1335 0.31 -4.37 37.22
N ASP A 1336 0.98 -5.34 36.61
CA ASP A 1336 1.86 -5.08 35.48
C ASP A 1336 1.58 -6.01 34.30
N PHE A 1337 0.40 -6.63 34.26
CA PHE A 1337 0.05 -7.48 33.12
C PHE A 1337 -0.13 -6.62 31.87
N VAL A 1338 0.70 -6.87 30.85
CA VAL A 1338 0.66 -6.07 29.64
C VAL A 1338 -0.61 -6.39 28.85
N LEU A 1339 -1.26 -5.34 28.35
CA LEU A 1339 -2.52 -5.48 27.60
C LEU A 1339 -2.20 -5.49 26.12
N VAL A 1340 -1.71 -6.64 25.64
CA VAL A 1340 -1.34 -6.79 24.24
C VAL A 1340 -2.59 -7.02 23.40
N ASP A 1341 -2.55 -6.54 22.15
CA ASP A 1341 -3.61 -6.77 21.17
C ASP A 1341 -4.92 -6.14 21.61
N GLY A 1342 -4.86 -4.86 21.95
CA GLY A 1342 -6.06 -4.11 22.29
C GLY A 1342 -6.64 -4.39 23.66
N GLY A 1343 -5.93 -5.13 24.51
CA GLY A 1343 -6.42 -5.40 25.85
C GLY A 1343 -7.76 -6.10 25.89
N CYS A 1344 -7.98 -7.05 25.00
CA CYS A 1344 -9.25 -7.76 24.92
C CYS A 1344 -9.46 -8.75 26.04
N VAL A 1345 -8.51 -8.88 26.97
CA VAL A 1345 -8.66 -9.84 28.07
C VAL A 1345 -9.80 -9.41 28.99
N LEU A 1346 -9.97 -8.11 29.19
CA LEU A 1346 -11.03 -7.62 30.06
C LEU A 1346 -12.39 -7.68 29.36
N SER A 1347 -13.44 -7.82 30.16
CA SER A 1347 -14.80 -7.77 29.65
C SER A 1347 -15.24 -6.32 29.49
N HIS A 1348 -16.46 -6.13 28.97
CA HIS A 1348 -17.01 -4.78 28.85
C HIS A 1348 -17.15 -4.13 30.21
N GLY A 1349 -17.68 -4.86 31.18
CA GLY A 1349 -17.81 -4.32 32.53
C GLY A 1349 -16.46 -4.07 33.18
N HIS A 1350 -15.49 -4.94 32.93
CA HIS A 1350 -14.15 -4.73 33.47
C HIS A 1350 -13.52 -3.46 32.90
N LYS A 1351 -13.68 -3.23 31.59
CA LYS A 1351 -13.17 -2.01 30.98
C LYS A 1351 -13.88 -0.77 31.51
N GLN A 1352 -15.19 -0.88 31.72
CA GLN A 1352 -15.93 0.24 32.30
C GLN A 1352 -15.44 0.55 33.71
N LEU A 1353 -15.18 -0.50 34.51
CA LEU A 1353 -14.62 -0.29 35.84
C LEU A 1353 -13.23 0.34 35.75
N MET A 1354 -12.44 -0.08 34.76
CA MET A 1354 -11.11 0.50 34.57
C MET A 1354 -11.20 2.00 34.31
N CYS A 1355 -12.04 2.40 33.36
CA CYS A 1355 -12.13 3.83 33.05
C CYS A 1355 -12.79 4.61 34.17
N LEU A 1356 -13.71 3.99 34.93
CA LEU A 1356 -14.28 4.67 36.08
C LEU A 1356 -13.24 4.90 37.17
N ALA A 1357 -12.38 3.91 37.42
CA ALA A 1357 -11.30 4.08 38.38
C ALA A 1357 -10.32 5.15 37.90
N ARG A 1358 -10.06 5.19 36.60
CA ARG A 1358 -9.22 6.24 36.04
C ARG A 1358 -9.84 7.61 36.27
N SER A 1359 -11.15 7.72 36.08
CA SER A 1359 -11.85 8.99 36.33
C SER A 1359 -11.78 9.36 37.81
N VAL A 1360 -11.90 8.39 38.70
CA VAL A 1360 -11.77 8.66 40.13
C VAL A 1360 -10.36 9.15 40.45
N LEU A 1361 -9.35 8.58 39.79
CA LEU A 1361 -7.99 9.10 39.91
C LEU A 1361 -7.92 10.56 39.48
N SER A 1362 -8.43 10.86 38.28
CA SER A 1362 -8.47 12.23 37.79
C SER A 1362 -9.66 12.92 38.46
N LYS A 1363 -9.45 13.31 39.72
CA LYS A 1363 -10.51 13.82 40.57
C LYS A 1363 -11.25 14.99 39.94
N ALA A 1364 -12.54 14.80 39.64
CA ALA A 1364 -13.37 15.81 39.03
C ALA A 1364 -14.64 15.98 39.85
N LYS A 1365 -15.04 17.24 40.06
CA LYS A 1365 -16.25 17.53 40.81
C LYS A 1365 -17.52 17.13 40.08
N ILE A 1366 -17.44 16.80 38.80
CA ILE A 1366 -18.60 16.45 37.98
C ILE A 1366 -18.27 15.21 37.17
N LEU A 1367 -19.28 14.36 36.93
CA LEU A 1367 -19.12 13.13 36.20
C LEU A 1367 -20.11 13.09 35.04
N LEU A 1368 -19.66 12.49 33.93
CA LEU A 1368 -20.49 12.30 32.74
C LEU A 1368 -20.47 10.82 32.37
N LEU A 1369 -21.60 10.34 31.85
CA LEU A 1369 -21.78 8.92 31.59
C LEU A 1369 -22.38 8.72 30.21
N ASP A 1370 -22.16 7.54 29.64
CA ASP A 1370 -22.66 7.24 28.29
C ASP A 1370 -22.87 5.73 28.17
N GLU A 1371 -24.13 5.30 28.33
CA GLU A 1371 -24.60 3.95 28.04
C GLU A 1371 -23.74 2.87 28.70
N PRO A 1372 -23.81 2.71 30.02
CA PRO A 1372 -22.99 1.67 30.67
C PRO A 1372 -23.46 0.25 30.39
N SER A 1373 -24.71 0.04 30.00
CA SER A 1373 -25.30 -1.29 29.90
C SER A 1373 -25.55 -1.70 28.44
N ALA A 1374 -24.61 -1.40 27.54
CA ALA A 1374 -24.75 -1.84 26.16
C ALA A 1374 -24.69 -3.35 26.05
N HIS A 1375 -23.68 -3.97 26.66
CA HIS A 1375 -23.52 -5.42 26.69
C HIS A 1375 -23.11 -5.86 28.08
N LEU A 1376 -23.78 -5.32 29.10
CA LEU A 1376 -23.38 -5.49 30.49
C LEU A 1376 -24.24 -6.53 31.18
N ASP A 1377 -23.78 -6.97 32.36
CA ASP A 1377 -24.49 -7.95 33.17
C ASP A 1377 -24.87 -7.34 34.51
N PRO A 1378 -25.91 -7.88 35.16
CA PRO A 1378 -26.46 -7.20 36.36
C PRO A 1378 -25.47 -7.03 37.49
N VAL A 1379 -24.57 -7.99 37.73
CA VAL A 1379 -23.66 -7.86 38.86
C VAL A 1379 -22.70 -6.68 38.66
N THR A 1380 -22.13 -6.54 37.46
CA THR A 1380 -21.25 -5.42 37.21
C THR A 1380 -22.03 -4.11 37.14
N TYR A 1381 -23.26 -4.14 36.63
CA TYR A 1381 -24.08 -2.94 36.63
C TYR A 1381 -24.33 -2.44 38.05
N GLN A 1382 -24.69 -3.34 38.95
CA GLN A 1382 -24.98 -2.95 40.31
C GLN A 1382 -23.70 -2.55 41.06
N ILE A 1383 -22.57 -3.19 40.76
CA ILE A 1383 -21.33 -2.74 41.39
C ILE A 1383 -20.93 -1.36 40.88
N ILE A 1384 -21.19 -1.06 39.60
CA ILE A 1384 -20.94 0.28 39.07
C ILE A 1384 -21.83 1.29 39.79
N ARG A 1385 -23.10 0.94 39.99
CA ARG A 1385 -24.01 1.82 40.71
C ARG A 1385 -23.51 2.07 42.13
N ARG A 1386 -23.07 1.01 42.82
CA ARG A 1386 -22.56 1.17 44.18
C ARG A 1386 -21.33 2.06 44.21
N THR A 1387 -20.39 1.86 43.27
CA THR A 1387 -19.18 2.67 43.25
C THR A 1387 -19.49 4.13 43.00
N LEU A 1388 -20.35 4.42 42.02
CA LEU A 1388 -20.68 5.82 41.73
C LEU A 1388 -21.41 6.45 42.90
N LYS A 1389 -22.34 5.71 43.53
CA LYS A 1389 -23.06 6.25 44.67
C LYS A 1389 -22.13 6.56 45.84
N GLN A 1390 -21.18 5.67 46.10
CA GLN A 1390 -20.28 5.87 47.25
C GLN A 1390 -19.21 6.90 46.97
N ALA A 1391 -18.79 7.08 45.72
CA ALA A 1391 -17.67 7.97 45.42
C ALA A 1391 -18.10 9.37 45.02
N PHE A 1392 -19.22 9.52 44.34
CA PHE A 1392 -19.66 10.81 43.79
C PHE A 1392 -21.10 11.11 44.20
N ALA A 1393 -21.38 10.94 45.50
CA ALA A 1393 -22.74 11.15 45.98
C ALA A 1393 -23.16 12.62 45.92
N ASP A 1394 -22.21 13.55 46.03
CA ASP A 1394 -22.51 14.97 46.13
C ASP A 1394 -22.10 15.73 44.87
N CYS A 1395 -22.32 15.15 43.71
CA CYS A 1395 -22.00 15.79 42.44
C CYS A 1395 -23.23 15.76 41.52
N THR A 1396 -23.03 16.19 40.28
CA THR A 1396 -24.05 16.15 39.25
C THR A 1396 -23.62 15.16 38.18
N VAL A 1397 -24.44 14.15 37.92
CA VAL A 1397 -24.13 13.07 36.99
C VAL A 1397 -25.11 13.15 35.84
N ILE A 1398 -24.58 13.26 34.62
CA ILE A 1398 -25.40 13.23 33.41
C ILE A 1398 -25.35 11.78 32.91
N LEU A 1399 -26.28 10.96 33.39
CA LEU A 1399 -26.35 9.57 33.01
C LEU A 1399 -27.14 9.40 31.73
N CYS A 1400 -26.76 8.40 30.94
CA CYS A 1400 -27.41 8.09 29.67
C CYS A 1400 -27.73 6.61 29.63
N GLU A 1401 -29.01 6.26 29.69
CA GLU A 1401 -29.44 4.87 29.63
C GLU A 1401 -30.92 4.84 29.27
N HIS A 1402 -31.32 3.75 28.60
CA HIS A 1402 -32.70 3.56 28.17
C HIS A 1402 -33.48 2.61 29.06
N ARG A 1403 -32.82 1.91 29.98
CA ARG A 1403 -33.50 0.93 30.83
C ARG A 1403 -34.50 1.61 31.73
N ILE A 1404 -35.67 0.98 31.88
CA ILE A 1404 -36.72 1.53 32.75
C ILE A 1404 -36.28 1.48 34.21
N GLU A 1405 -35.72 0.34 34.64
CA GLU A 1405 -35.28 0.20 36.01
C GLU A 1405 -34.10 1.12 36.34
N ALA A 1406 -33.33 1.54 35.33
CA ALA A 1406 -32.21 2.42 35.57
C ALA A 1406 -32.64 3.83 35.95
N MET A 1407 -33.79 4.27 35.44
CA MET A 1407 -34.23 5.66 35.57
C MET A 1407 -34.84 5.98 36.93
N LEU A 1408 -34.71 5.09 37.91
CA LEU A 1408 -35.25 5.35 39.24
C LEU A 1408 -34.34 6.23 40.09
N GLU A 1409 -33.08 6.40 39.69
CA GLU A 1409 -32.11 7.19 40.44
C GLU A 1409 -31.85 8.56 39.82
N CYS A 1410 -32.58 8.92 38.76
CA CYS A 1410 -32.40 10.19 38.08
C CYS A 1410 -33.48 11.16 38.59
N GLN A 1411 -33.06 12.08 39.47
CA GLN A 1411 -34.02 13.04 40.03
C GLN A 1411 -34.58 13.95 38.94
N GLN A 1412 -33.72 14.42 38.04
CA GLN A 1412 -34.15 15.19 36.88
C GLN A 1412 -34.08 14.32 35.63
N PHE A 1413 -34.80 14.75 34.60
CA PHE A 1413 -34.81 14.05 33.32
C PHE A 1413 -34.55 15.02 32.19
N LEU A 1414 -34.03 14.49 31.09
CA LEU A 1414 -33.78 15.26 29.89
C LEU A 1414 -33.91 14.33 28.69
N VAL A 1415 -34.49 14.82 27.61
CA VAL A 1415 -34.74 14.02 26.42
C VAL A 1415 -34.33 14.82 25.19
N ILE A 1416 -33.73 14.13 24.22
CA ILE A 1416 -33.35 14.71 22.95
C ILE A 1416 -34.26 14.13 21.88
N GLU A 1417 -35.09 14.98 21.27
CA GLU A 1417 -36.05 14.58 20.24
C GLU A 1417 -35.90 15.50 19.04
N GLU A 1418 -34.99 15.17 18.14
CA GLU A 1418 -34.82 15.87 16.87
C GLU A 1418 -34.53 17.36 17.09
N ASN A 1419 -33.37 17.61 17.69
CA ASN A 1419 -32.84 18.96 17.88
C ASN A 1419 -33.71 19.79 18.82
N LYS A 1420 -34.16 19.18 19.91
CA LYS A 1420 -34.86 19.90 20.96
C LYS A 1420 -34.65 19.16 22.27
N VAL A 1421 -34.76 19.90 23.38
CA VAL A 1421 -34.50 19.37 24.71
C VAL A 1421 -35.67 19.71 25.62
N ARG A 1422 -36.15 18.71 26.36
CA ARG A 1422 -37.19 18.91 27.36
C ARG A 1422 -36.71 18.33 28.69
N GLN A 1423 -36.75 19.15 29.73
CA GLN A 1423 -36.34 18.73 31.06
C GLN A 1423 -37.57 18.61 31.95
N TYR A 1424 -37.68 17.49 32.66
CA TYR A 1424 -38.85 17.19 33.47
C TYR A 1424 -38.42 16.87 34.90
N ASP A 1425 -39.31 17.15 35.84
CA ASP A 1425 -39.05 16.86 37.25
C ASP A 1425 -39.20 15.38 37.57
N SER A 1426 -39.94 14.62 36.77
CA SER A 1426 -40.19 13.21 37.06
C SER A 1426 -40.49 12.50 35.76
N ILE A 1427 -40.43 11.16 35.82
CA ILE A 1427 -40.67 10.33 34.65
C ILE A 1427 -42.13 9.93 34.53
N GLN A 1428 -42.85 9.78 35.64
CA GLN A 1428 -44.24 9.37 35.59
C GLN A 1428 -45.10 10.37 34.83
N LYS A 1429 -44.71 11.64 34.79
CA LYS A 1429 -45.42 12.61 33.96
C LYS A 1429 -45.00 12.52 32.51
N LEU A 1430 -43.79 11.99 32.23
CA LEU A 1430 -43.41 11.75 30.85
C LEU A 1430 -44.23 10.62 30.24
N LEU A 1431 -44.54 9.60 31.03
CA LEU A 1431 -45.40 8.51 30.56
C LEU A 1431 -46.80 9.00 30.23
N ASN A 1432 -47.21 10.15 30.78
CA ASN A 1432 -48.48 10.73 30.37
C ASN A 1432 -48.46 11.12 28.90
N GLU A 1433 -47.32 11.63 28.43
CA GLU A 1433 -47.22 12.05 27.03
C GLU A 1433 -47.10 10.85 26.09
N ARG A 1434 -46.34 9.84 26.47
CA ARG A 1434 -45.98 8.73 25.58
C ARG A 1434 -46.17 7.39 26.27
N SER A 1435 -47.36 7.19 26.85
CA SER A 1435 -47.69 5.92 27.50
C SER A 1435 -47.60 4.75 26.53
#